data_5LKB
#
_entry.id   5LKB
#
_cell.length_a   55.510
_cell.length_b   82.960
_cell.length_c   80.650
_cell.angle_alpha   90.00
_cell.angle_beta   95.13
_cell.angle_gamma   90.00
#
_symmetry.space_group_name_H-M   'P 1 21 1'
#
loop_
_entity.id
_entity.type
_entity.pdbx_description
1 polymer 'Glutathione S-transferase omega-like 2'
2 non-polymer GLYCEROL
3 water water
#
_entity_poly.entity_id   1
_entity_poly.type   'polypeptide(L)'
_entity_poly.pdbx_seq_one_letter_code
;MSKQWASGTNGAFKRQVSSFRETISKQHPIYKPAKGRYWLYVSLACPWAHRTLITRALKGLTSVIGCSVVHWHLDEKGWR
FLDMEKQLEDSEDFLEHWHDVAGGIRTAKEDSSKSFAEIKNDSQRFMVDATNEPHYGYKRISDLYYKSDPQYSARFTVPV
LWDLETQTIVNNESSEIIRILNSSAFDEFVDDDHKKTDLVPAQLKTQIDDFNSWVYDSINNGVYKTGFAEKAEVYESEVN
NVFEHLDKVEKILSDKYSKLKAKYGEEDRQKILGEFFTVGDQLTEADIRLYTTVIRFDPVYVQHFKCNFTSIRAGYPFIH
LWVRNLYWNYDAFRYTTDFDHIKLHYTRSHTRINPLGITPLGPKPDIRPLLEHHHHHH
;
_entity_poly.pdbx_strand_id   A,B
#
# COMPACT_ATOMS: atom_id res chain seq x y z
N GLY A 11 -16.22 -7.63 -14.48
CA GLY A 11 -15.17 -7.72 -13.44
C GLY A 11 -15.57 -7.09 -12.11
N ALA A 12 -16.85 -6.93 -11.85
CA ALA A 12 -17.34 -6.36 -10.61
C ALA A 12 -17.69 -7.46 -9.60
N PHE A 13 -17.54 -7.11 -8.33
CA PHE A 13 -17.86 -7.98 -7.22
C PHE A 13 -19.29 -7.73 -6.78
N LYS A 14 -20.11 -8.81 -6.78
CA LYS A 14 -21.53 -8.74 -6.44
C LYS A 14 -21.74 -9.62 -5.21
N ARG A 15 -21.78 -9.01 -4.03
CA ARG A 15 -21.95 -9.75 -2.80
C ARG A 15 -23.31 -10.46 -2.86
N GLN A 16 -23.30 -11.74 -2.48
CA GLN A 16 -24.54 -12.53 -2.42
C GLN A 16 -25.43 -12.05 -1.28
N VAL A 17 -26.75 -12.21 -1.46
CA VAL A 17 -27.69 -11.94 -0.39
C VAL A 17 -27.65 -13.11 0.57
N SER A 18 -27.59 -12.80 1.87
CA SER A 18 -27.60 -13.85 2.88
CA SER A 18 -27.60 -13.85 2.88
C SER A 18 -28.98 -14.54 2.93
N SER A 19 -28.93 -15.86 3.13
CA SER A 19 -30.10 -16.71 3.02
C SER A 19 -30.82 -16.94 4.31
N PHE A 20 -30.20 -16.79 5.49
CA PHE A 20 -30.82 -17.14 6.76
C PHE A 20 -31.14 -15.85 7.47
N ARG A 21 -32.42 -15.56 7.65
CA ARG A 21 -32.85 -14.24 8.03
C ARG A 21 -33.89 -14.25 9.15
N GLU A 22 -33.88 -15.31 9.93
CA GLU A 22 -34.86 -15.44 11.03
C GLU A 22 -34.40 -14.68 12.28
N THR A 23 -35.27 -14.64 13.28
CA THR A 23 -35.07 -13.90 14.51
CA THR A 23 -35.03 -13.91 14.51
C THR A 23 -35.30 -14.82 15.70
N ILE A 24 -34.99 -14.30 16.87
CA ILE A 24 -35.14 -14.99 18.15
C ILE A 24 -36.01 -14.10 19.02
N SER A 25 -37.13 -14.65 19.58
CA SER A 25 -37.95 -13.81 20.44
C SER A 25 -38.83 -14.72 21.30
N LYS A 26 -39.40 -14.12 22.34
CA LYS A 26 -40.27 -14.86 23.26
C LYS A 26 -41.53 -15.37 22.56
N GLN A 27 -42.07 -14.59 21.62
CA GLN A 27 -43.27 -14.99 20.87
C GLN A 27 -42.97 -15.94 19.70
N HIS A 28 -41.70 -16.17 19.37
CA HIS A 28 -41.39 -16.95 18.19
C HIS A 28 -41.80 -18.42 18.38
N PRO A 29 -42.42 -19.02 17.39
CA PRO A 29 -42.83 -20.44 17.53
C PRO A 29 -41.69 -21.37 17.67
N ILE A 30 -40.47 -21.00 17.22
CA ILE A 30 -39.40 -21.97 17.10
C ILE A 30 -38.16 -21.51 17.88
N TYR A 31 -37.77 -20.24 17.75
CA TYR A 31 -36.47 -19.79 18.24
C TYR A 31 -36.72 -18.84 19.41
N LYS A 32 -36.88 -19.46 20.67
CA LYS A 32 -37.12 -18.61 21.80
C LYS A 32 -35.82 -18.35 22.57
N PRO A 33 -35.71 -17.27 23.29
CA PRO A 33 -34.43 -16.99 23.95
C PRO A 33 -34.20 -17.96 25.11
N ALA A 34 -32.94 -18.30 25.30
CA ALA A 34 -32.47 -19.09 26.43
C ALA A 34 -30.95 -18.97 26.54
N LYS A 35 -30.43 -19.25 27.72
CA LYS A 35 -29.00 -19.47 27.88
C LYS A 35 -28.65 -20.85 27.36
N GLY A 36 -27.41 -21.01 26.90
CA GLY A 36 -26.95 -22.31 26.50
C GLY A 36 -27.52 -22.89 25.23
N ARG A 37 -28.24 -22.12 24.43
CA ARG A 37 -28.94 -22.66 23.28
C ARG A 37 -28.34 -22.22 21.96
N TYR A 38 -27.91 -20.95 21.88
CA TYR A 38 -27.39 -20.39 20.63
C TYR A 38 -25.88 -20.23 20.67
N TRP A 39 -25.29 -20.22 19.47
CA TRP A 39 -23.85 -20.17 19.31
C TRP A 39 -23.54 -19.21 18.17
N LEU A 40 -22.40 -18.55 18.28
CA LEU A 40 -21.96 -17.56 17.31
C LEU A 40 -20.65 -18.06 16.75
N TYR A 41 -20.63 -18.43 15.45
CA TYR A 41 -19.42 -18.87 14.76
C TYR A 41 -18.92 -17.72 13.90
N VAL A 42 -17.63 -17.36 14.07
CA VAL A 42 -17.07 -16.17 13.44
C VAL A 42 -15.70 -16.50 12.87
N SER A 43 -15.22 -15.58 12.02
CA SER A 43 -13.79 -15.34 11.83
C SER A 43 -13.43 -14.02 12.46
N LEU A 44 -12.29 -13.96 13.17
CA LEU A 44 -11.78 -12.67 13.64
C LEU A 44 -11.23 -11.79 12.51
N ALA A 45 -11.03 -12.31 11.33
CA ALA A 45 -10.56 -11.48 10.21
C ALA A 45 -11.70 -10.69 9.56
N CYS A 46 -12.95 -11.22 9.70
CA CYS A 46 -14.09 -10.74 8.91
C CYS A 46 -14.71 -9.54 9.59
N PRO A 47 -14.89 -8.41 8.90
CA PRO A 47 -15.47 -7.22 9.52
C PRO A 47 -16.98 -7.37 9.80
N TRP A 48 -17.62 -8.25 9.02
CA TRP A 48 -19.05 -8.50 9.21
C TRP A 48 -19.23 -9.28 10.51
N ALA A 49 -18.48 -10.38 10.65
CA ALA A 49 -18.52 -11.15 11.91
C ALA A 49 -18.04 -10.32 13.08
N HIS A 50 -17.07 -9.43 12.85
CA HIS A 50 -16.56 -8.60 13.92
C HIS A 50 -17.69 -7.78 14.54
N ARG A 51 -18.65 -7.31 13.73
CA ARG A 51 -19.77 -6.54 14.27
C ARG A 51 -20.44 -7.30 15.36
N THR A 52 -20.60 -8.60 15.16
CA THR A 52 -21.35 -9.42 16.11
C THR A 52 -20.56 -9.66 17.39
N LEU A 53 -19.22 -9.78 17.30
CA LEU A 53 -18.41 -9.95 18.50
C LEU A 53 -18.46 -8.70 19.37
N ILE A 54 -18.35 -7.52 18.76
CA ILE A 54 -18.40 -6.27 19.50
C ILE A 54 -19.76 -6.16 20.22
N THR A 55 -20.82 -6.43 19.49
CA THR A 55 -22.17 -6.29 20.03
C THR A 55 -22.43 -7.31 21.12
N ARG A 56 -21.99 -8.55 20.92
CA ARG A 56 -22.07 -9.57 21.96
C ARG A 56 -21.41 -9.11 23.26
N ALA A 57 -20.24 -8.50 23.17
CA ALA A 57 -19.59 -8.01 24.37
C ALA A 57 -20.34 -6.85 25.01
N LEU A 58 -20.72 -5.85 24.22
CA LEU A 58 -21.32 -4.62 24.73
C LEU A 58 -22.64 -4.94 25.41
N LYS A 59 -23.36 -5.93 24.89
CA LYS A 59 -24.66 -6.26 25.45
C LYS A 59 -24.54 -7.32 26.54
N GLY A 60 -23.32 -7.72 26.93
CA GLY A 60 -23.16 -8.62 28.06
C GLY A 60 -23.60 -10.04 27.86
N LEU A 61 -23.47 -10.57 26.66
CA LEU A 61 -23.99 -11.85 26.24
C LEU A 61 -22.92 -12.92 26.07
N THR A 62 -21.71 -12.71 26.57
CA THR A 62 -20.65 -13.68 26.31
C THR A 62 -20.88 -15.01 27.01
N SER A 63 -21.54 -15.01 28.18
CA SER A 63 -21.85 -16.26 28.85
C SER A 63 -23.20 -16.83 28.42
N VAL A 64 -23.96 -16.11 27.63
CA VAL A 64 -25.27 -16.54 27.17
C VAL A 64 -25.18 -17.24 25.83
N ILE A 65 -24.26 -16.74 24.99
CA ILE A 65 -24.10 -17.22 23.63
C ILE A 65 -22.62 -17.56 23.46
N GLY A 66 -22.30 -18.85 23.31
CA GLY A 66 -20.92 -19.25 23.14
C GLY A 66 -20.38 -18.78 21.83
N CYS A 67 -19.05 -18.82 21.67
CA CYS A 67 -18.44 -18.44 20.40
C CYS A 67 -17.32 -19.39 20.02
N SER A 68 -17.20 -19.66 18.73
CA SER A 68 -16.12 -20.47 18.18
C SER A 68 -15.58 -19.71 16.98
N VAL A 69 -14.32 -19.95 16.64
CA VAL A 69 -13.59 -19.12 15.65
C VAL A 69 -12.95 -20.00 14.59
N VAL A 70 -13.29 -19.76 13.32
CA VAL A 70 -12.65 -20.44 12.22
C VAL A 70 -11.22 -19.94 12.00
N HIS A 71 -10.46 -20.73 11.26
CA HIS A 71 -9.11 -20.39 10.84
C HIS A 71 -9.16 -19.16 9.97
N TRP A 72 -8.10 -18.35 10.07
CA TRP A 72 -7.98 -17.16 9.22
C TRP A 72 -7.74 -17.48 7.75
N HIS A 73 -7.25 -18.67 7.42
CA HIS A 73 -6.98 -19.03 6.05
C HIS A 73 -8.25 -19.54 5.35
N LEU A 74 -8.65 -18.88 4.26
CA LEU A 74 -9.86 -19.24 3.53
C LEU A 74 -9.48 -19.88 2.19
N ASP A 75 -9.59 -21.24 2.10
CA ASP A 75 -9.29 -21.98 0.88
C ASP A 75 -10.57 -22.25 0.07
N GLU A 76 -10.44 -23.01 -1.02
CA GLU A 76 -11.57 -23.23 -1.92
C GLU A 76 -12.72 -23.98 -1.26
N LYS A 77 -12.44 -24.78 -0.24
CA LYS A 77 -13.53 -25.46 0.48
C LYS A 77 -14.15 -24.65 1.63
N GLY A 78 -13.77 -23.37 1.80
CA GLY A 78 -14.45 -22.49 2.73
C GLY A 78 -13.83 -22.46 4.12
N TRP A 79 -14.43 -21.65 4.99
CA TRP A 79 -13.87 -21.51 6.33
C TRP A 79 -13.82 -22.85 7.02
N ARG A 80 -12.83 -23.02 7.88
CA ARG A 80 -12.50 -24.29 8.51
C ARG A 80 -12.14 -24.12 9.98
N PHE A 81 -12.27 -25.22 10.71
CA PHE A 81 -11.91 -25.30 12.11
C PHE A 81 -10.69 -26.20 12.31
N LEU A 82 -10.04 -26.05 13.47
CA LEU A 82 -8.98 -26.98 13.90
C LEU A 82 -9.59 -28.07 14.76
N ASP A 83 -9.00 -29.27 14.66
CA ASP A 83 -9.43 -30.42 15.47
C ASP A 83 -9.10 -30.29 16.96
N PHE A 94 -11.90 -24.75 28.53
CA PHE A 94 -12.82 -24.59 27.38
C PHE A 94 -14.06 -23.77 27.74
N LEU A 95 -14.58 -23.95 28.95
CA LEU A 95 -15.67 -23.12 29.40
C LEU A 95 -15.34 -21.64 29.25
N GLU A 96 -14.14 -21.25 29.70
CA GLU A 96 -13.68 -19.87 29.61
C GLU A 96 -13.56 -19.42 28.15
N HIS A 97 -13.08 -20.33 27.29
CA HIS A 97 -12.91 -20.05 25.86
C HIS A 97 -14.23 -19.75 25.18
N TRP A 98 -15.22 -20.65 25.33
CA TRP A 98 -16.50 -20.46 24.67
C TRP A 98 -17.18 -19.18 25.09
N HIS A 99 -16.95 -18.72 26.32
CA HIS A 99 -17.57 -17.54 26.86
C HIS A 99 -16.67 -16.33 26.89
N ASP A 100 -15.53 -16.39 26.17
CA ASP A 100 -14.62 -15.28 26.04
C ASP A 100 -15.10 -14.38 24.90
N VAL A 101 -14.75 -13.09 24.98
CA VAL A 101 -15.15 -12.12 23.94
C VAL A 101 -14.69 -12.51 22.54
N ALA A 102 -13.57 -13.20 22.42
CA ALA A 102 -13.02 -13.65 21.15
C ALA A 102 -12.88 -15.17 21.06
N GLY A 103 -13.79 -15.90 21.72
CA GLY A 103 -13.75 -17.35 21.61
C GLY A 103 -12.55 -18.03 22.26
N GLY A 104 -11.74 -17.29 23.00
CA GLY A 104 -10.50 -17.80 23.59
C GLY A 104 -9.26 -17.63 22.74
N ILE A 105 -9.38 -17.08 21.54
CA ILE A 105 -8.21 -16.92 20.68
C ILE A 105 -7.20 -16.02 21.36
N ARG A 106 -5.96 -16.47 21.41
CA ARG A 106 -4.91 -15.70 22.08
C ARG A 106 -4.22 -14.79 21.04
N SER A 115 6.60 -10.50 12.91
CA SER A 115 6.81 -11.49 11.85
C SER A 115 5.61 -12.40 11.47
N PHE A 116 5.46 -12.66 10.17
CA PHE A 116 4.52 -13.62 9.62
C PHE A 116 5.16 -14.76 8.86
N ALA A 117 6.44 -14.65 8.50
CA ALA A 117 7.00 -15.60 7.56
C ALA A 117 6.97 -17.05 8.03
N GLU A 118 7.09 -17.28 9.33
CA GLU A 118 7.12 -18.63 9.91
C GLU A 118 5.74 -19.25 10.00
N ILE A 119 4.70 -18.47 9.79
CA ILE A 119 3.33 -18.98 9.90
C ILE A 119 2.88 -19.40 8.51
N LYS A 120 2.70 -20.70 8.31
CA LYS A 120 2.24 -21.17 7.00
C LYS A 120 0.71 -21.21 6.99
N ASN A 121 0.14 -21.31 5.78
CA ASN A 121 -1.32 -21.33 5.58
C ASN A 121 -1.95 -22.55 6.17
N ASP A 122 -1.18 -23.60 6.41
CA ASP A 122 -1.70 -24.77 7.10
C ASP A 122 -1.36 -24.78 8.59
N SER A 123 -1.06 -23.61 9.16
CA SER A 123 -0.71 -23.51 10.57
C SER A 123 -1.82 -24.08 11.44
N GLN A 124 -1.44 -24.79 12.51
CA GLN A 124 -2.39 -25.53 13.36
C GLN A 124 -2.18 -25.24 14.83
N ARG A 125 -2.02 -23.95 15.19
CA ARG A 125 -1.77 -23.56 16.58
C ARG A 125 -3.09 -23.44 17.31
N PHE A 126 -3.43 -24.45 18.13
CA PHE A 126 -4.75 -24.45 18.73
C PHE A 126 -4.93 -23.25 19.67
N MET A 127 -6.10 -22.62 19.56
CA MET A 127 -6.45 -21.39 20.28
C MET A 127 -5.66 -20.17 19.84
N VAL A 128 -4.94 -20.26 18.73
CA VAL A 128 -4.17 -19.14 18.17
C VAL A 128 -4.66 -18.89 16.74
N ASP A 129 -4.54 -19.90 15.85
CA ASP A 129 -5.04 -19.79 14.49
C ASP A 129 -6.56 -19.99 14.40
N ALA A 130 -7.16 -20.77 15.32
CA ALA A 130 -8.56 -21.19 15.21
C ALA A 130 -8.90 -21.95 16.48
N THR A 131 -10.22 -22.07 16.70
CA THR A 131 -10.70 -23.07 17.65
C THR A 131 -11.27 -24.25 16.87
N ASN A 132 -11.74 -25.22 17.65
CA ASN A 132 -12.51 -26.32 17.10
C ASN A 132 -13.96 -25.90 16.97
N GLU A 133 -14.73 -26.73 16.27
CA GLU A 133 -16.18 -26.66 16.28
C GLU A 133 -16.62 -27.63 17.40
N PRO A 134 -17.02 -27.12 18.57
CA PRO A 134 -17.09 -27.97 19.77
C PRO A 134 -18.36 -28.80 19.92
N HIS A 135 -19.40 -28.59 19.12
CA HIS A 135 -20.64 -29.35 19.34
C HIS A 135 -20.67 -30.67 18.55
N TYR A 136 -20.15 -30.67 17.33
CA TYR A 136 -20.19 -31.81 16.42
C TYR A 136 -18.84 -32.24 15.89
N GLY A 137 -17.77 -31.50 16.19
CA GLY A 137 -16.47 -31.75 15.56
C GLY A 137 -16.38 -31.48 14.08
N TYR A 138 -17.24 -30.64 13.51
CA TYR A 138 -17.15 -30.38 12.08
C TYR A 138 -15.82 -29.68 11.74
N LYS A 139 -15.25 -30.04 10.61
CA LYS A 139 -14.01 -29.39 10.18
C LYS A 139 -14.28 -28.19 9.28
N ARG A 140 -15.51 -28.04 8.80
CA ARG A 140 -15.82 -27.01 7.82
C ARG A 140 -17.09 -26.29 8.22
N ILE A 141 -17.10 -24.97 8.08
CA ILE A 141 -18.36 -24.25 8.33
C ILE A 141 -19.48 -24.71 7.36
N SER A 142 -19.11 -25.19 6.18
CA SER A 142 -20.08 -25.78 5.24
C SER A 142 -20.87 -26.91 5.90
N ASP A 143 -20.27 -27.63 6.85
CA ASP A 143 -20.98 -28.71 7.57
C ASP A 143 -22.20 -28.17 8.31
N LEU A 144 -22.09 -27.00 8.94
CA LEU A 144 -23.23 -26.36 9.59
C LEU A 144 -24.30 -25.97 8.57
N TYR A 145 -23.88 -25.46 7.42
CA TYR A 145 -24.80 -25.03 6.36
C TYR A 145 -25.58 -26.22 5.82
N TYR A 146 -24.89 -27.31 5.51
CA TYR A 146 -25.58 -28.49 4.97
C TYR A 146 -26.47 -29.16 6.01
N LYS A 147 -26.04 -29.16 7.28
CA LYS A 147 -26.91 -29.62 8.36
C LYS A 147 -28.23 -28.85 8.37
N SER A 148 -28.14 -27.52 8.35
CA SER A 148 -29.34 -26.70 8.38
C SER A 148 -30.19 -26.92 7.13
N ASP A 149 -29.56 -27.01 5.96
CA ASP A 149 -30.28 -27.04 4.69
C ASP A 149 -29.40 -27.84 3.74
N PRO A 150 -29.69 -29.14 3.57
CA PRO A 150 -28.89 -29.97 2.66
C PRO A 150 -28.87 -29.48 1.22
N GLN A 151 -29.80 -28.62 0.82
CA GLN A 151 -29.84 -28.08 -0.53
C GLN A 151 -29.12 -26.76 -0.66
N TYR A 152 -28.41 -26.30 0.37
CA TYR A 152 -27.75 -24.99 0.31
C TYR A 152 -26.75 -24.98 -0.83
N SER A 153 -26.71 -23.89 -1.60
CA SER A 153 -25.77 -23.80 -2.71
C SER A 153 -25.33 -22.36 -2.97
N ALA A 154 -24.95 -21.66 -1.92
CA ALA A 154 -24.24 -20.38 -2.02
C ALA A 154 -22.95 -20.49 -1.23
N ARG A 155 -22.28 -19.35 -1.01
CA ARG A 155 -21.06 -19.32 -0.22
C ARG A 155 -21.35 -19.51 1.26
N PHE A 156 -20.41 -20.17 1.94
CA PHE A 156 -20.54 -20.57 3.33
C PHE A 156 -19.92 -19.48 4.22
N THR A 157 -20.67 -18.41 4.39
CA THR A 157 -20.12 -17.18 4.97
C THR A 157 -20.16 -17.20 6.49
N VAL A 158 -19.26 -16.38 7.09
CA VAL A 158 -19.38 -15.99 8.52
C VAL A 158 -19.97 -14.58 8.58
N PRO A 159 -20.59 -14.21 9.69
CA PRO A 159 -20.90 -14.94 10.93
C PRO A 159 -22.11 -15.88 10.76
N VAL A 160 -22.20 -16.86 11.65
CA VAL A 160 -23.36 -17.74 11.72
C VAL A 160 -23.88 -17.72 13.15
N LEU A 161 -25.18 -17.41 13.30
CA LEU A 161 -25.89 -17.53 14.57
C LEU A 161 -26.71 -18.83 14.53
N TRP A 162 -26.32 -19.79 15.36
CA TRP A 162 -26.69 -21.21 15.29
C TRP A 162 -27.57 -21.57 16.48
N ASP A 163 -28.60 -22.41 16.20
CA ASP A 163 -29.47 -22.94 17.24
C ASP A 163 -29.11 -24.38 17.51
N LEU A 164 -28.65 -24.66 18.73
CA LEU A 164 -28.29 -26.02 19.13
C LEU A 164 -29.50 -26.94 19.25
N GLU A 165 -30.69 -26.40 19.45
CA GLU A 165 -31.85 -27.28 19.63
C GLU A 165 -32.36 -27.83 18.30
N THR A 166 -32.56 -26.98 17.32
CA THR A 166 -33.04 -27.42 16.03
C THR A 166 -31.89 -27.74 15.05
N GLN A 167 -30.65 -27.38 15.42
CA GLN A 167 -29.47 -27.59 14.57
C GLN A 167 -29.65 -26.89 13.23
N THR A 168 -29.98 -25.61 13.30
CA THR A 168 -30.19 -24.81 12.11
C THR A 168 -29.44 -23.50 12.28
N ILE A 169 -29.24 -22.83 11.16
CA ILE A 169 -28.77 -21.46 11.18
C ILE A 169 -29.98 -20.55 11.34
N VAL A 170 -29.99 -19.80 12.45
CA VAL A 170 -31.04 -18.82 12.70
C VAL A 170 -30.90 -17.67 11.73
N ASN A 171 -29.67 -17.12 11.65
CA ASN A 171 -29.47 -15.90 10.91
C ASN A 171 -27.98 -15.86 10.57
N ASN A 172 -27.65 -15.57 9.29
CA ASN A 172 -26.27 -15.36 8.85
C ASN A 172 -26.10 -14.01 8.20
N GLU A 173 -26.88 -13.03 8.58
CA GLU A 173 -26.77 -11.65 8.12
C GLU A 173 -26.29 -10.80 9.29
N SER A 174 -25.06 -10.26 9.19
CA SER A 174 -24.50 -9.58 10.34
C SER A 174 -25.36 -8.39 10.78
N SER A 175 -26.01 -7.69 9.83
CA SER A 175 -26.74 -6.49 10.17
C SER A 175 -27.97 -6.86 11.01
N GLU A 176 -28.46 -8.11 10.87
CA GLU A 176 -29.65 -8.55 11.61
C GLU A 176 -29.21 -9.22 12.90
N ILE A 177 -28.12 -10.00 12.85
CA ILE A 177 -27.62 -10.59 14.11
C ILE A 177 -27.39 -9.50 15.16
N ILE A 178 -26.81 -8.36 14.78
CA ILE A 178 -26.57 -7.33 15.79
C ILE A 178 -27.87 -6.69 16.30
N ARG A 179 -28.93 -6.72 15.50
CA ARG A 179 -30.23 -6.27 15.98
C ARG A 179 -30.79 -7.31 16.95
N ILE A 180 -30.62 -8.59 16.64
CA ILE A 180 -31.08 -9.61 17.60
C ILE A 180 -30.38 -9.44 18.94
N LEU A 181 -29.04 -9.30 18.92
CA LEU A 181 -28.30 -9.18 20.16
C LEU A 181 -28.71 -7.96 20.91
N ASN A 182 -29.00 -6.85 20.22
CA ASN A 182 -29.35 -5.63 20.90
C ASN A 182 -30.80 -5.63 21.43
N SER A 183 -31.64 -6.49 20.89
CA SER A 183 -33.08 -6.51 21.20
C SER A 183 -33.31 -6.94 22.63
N SER A 184 -34.57 -6.96 23.01
CA SER A 184 -34.86 -7.41 24.36
C SER A 184 -34.76 -8.92 24.53
N ALA A 185 -34.54 -9.67 23.45
CA ALA A 185 -34.64 -11.13 23.48
C ALA A 185 -33.91 -11.79 24.63
N PHE A 186 -32.71 -11.36 24.97
CA PHE A 186 -31.90 -12.10 25.94
C PHE A 186 -31.85 -11.39 27.29
N ASP A 187 -32.77 -10.44 27.52
CA ASP A 187 -32.66 -9.54 28.67
C ASP A 187 -32.77 -10.30 29.99
N GLU A 188 -33.51 -11.41 30.01
CA GLU A 188 -33.66 -12.20 31.23
C GLU A 188 -32.36 -12.83 31.68
N PHE A 189 -31.33 -12.85 30.83
CA PHE A 189 -30.11 -13.60 31.11
C PHE A 189 -28.85 -12.73 31.28
N VAL A 190 -29.02 -11.42 31.30
CA VAL A 190 -27.90 -10.49 31.46
C VAL A 190 -28.12 -9.66 32.73
N ASP A 191 -27.08 -8.94 33.14
CA ASP A 191 -27.23 -8.01 34.26
C ASP A 191 -27.91 -6.71 33.78
N ASP A 192 -28.39 -5.93 34.75
CA ASP A 192 -29.18 -4.75 34.42
C ASP A 192 -28.39 -3.67 33.69
N ASP A 193 -27.07 -3.54 33.95
CA ASP A 193 -26.28 -2.51 33.27
C ASP A 193 -26.23 -2.78 31.77
N HIS A 194 -26.09 -4.06 31.39
CA HIS A 194 -26.09 -4.44 29.98
C HIS A 194 -27.49 -4.41 29.37
N LYS A 195 -28.51 -4.84 30.13
CA LYS A 195 -29.89 -4.75 29.66
C LYS A 195 -30.25 -3.35 29.17
N LYS A 196 -29.85 -2.32 29.93
CA LYS A 196 -30.20 -0.94 29.59
C LYS A 196 -29.40 -0.41 28.39
N THR A 197 -28.22 -0.95 28.12
CA THR A 197 -27.48 -0.50 26.96
C THR A 197 -28.36 -0.68 25.72
N ASP A 198 -28.45 0.36 24.90
CA ASP A 198 -29.23 0.33 23.66
C ASP A 198 -28.42 0.94 22.52
N LEU A 199 -28.03 0.09 21.59
CA LEU A 199 -27.20 0.49 20.45
C LEU A 199 -28.02 1.08 19.31
N VAL A 200 -29.34 1.05 19.40
CA VAL A 200 -30.22 1.57 18.35
C VAL A 200 -31.37 2.31 19.06
N PRO A 201 -31.06 3.38 19.79
CA PRO A 201 -32.13 4.14 20.48
C PRO A 201 -33.14 4.74 19.50
N ALA A 202 -34.40 4.77 19.95
CA ALA A 202 -35.47 5.23 19.08
C ALA A 202 -35.24 6.62 18.54
N GLN A 203 -34.74 7.53 19.36
CA GLN A 203 -34.53 8.90 18.88
C GLN A 203 -33.50 8.99 17.77
N LEU A 204 -32.64 7.98 17.63
CA LEU A 204 -31.56 7.94 16.64
C LEU A 204 -31.78 6.90 15.56
N LYS A 205 -32.81 6.07 15.66
CA LYS A 205 -32.98 4.96 14.73
C LYS A 205 -32.93 5.40 13.27
N THR A 206 -33.69 6.43 12.88
CA THR A 206 -33.71 6.74 11.45
C THR A 206 -32.34 7.25 10.99
N GLN A 207 -31.70 8.09 11.81
CA GLN A 207 -30.34 8.55 11.45
C GLN A 207 -29.34 7.41 11.39
N ILE A 208 -29.41 6.46 12.33
CA ILE A 208 -28.58 5.25 12.25
C ILE A 208 -28.82 4.50 10.96
N ASP A 209 -30.08 4.28 10.60
CA ASP A 209 -30.35 3.53 9.38
C ASP A 209 -29.84 4.27 8.14
N ASP A 210 -30.02 5.60 8.09
CA ASP A 210 -29.62 6.36 6.90
C ASP A 210 -28.10 6.39 6.78
N PHE A 211 -27.39 6.61 7.90
CA PHE A 211 -25.92 6.55 7.88
C PHE A 211 -25.46 5.16 7.46
N ASN A 212 -25.98 4.13 8.11
CA ASN A 212 -25.64 2.74 7.79
C ASN A 212 -25.80 2.44 6.32
N SER A 213 -26.84 2.97 5.67
CA SER A 213 -27.11 2.63 4.28
C SER A 213 -25.96 3.05 3.35
N TRP A 214 -25.54 4.31 3.43
CA TRP A 214 -24.46 4.75 2.52
C TRP A 214 -23.10 4.27 3.01
N VAL A 215 -22.89 4.13 4.31
CA VAL A 215 -21.63 3.56 4.76
C VAL A 215 -21.52 2.12 4.28
N TYR A 216 -22.62 1.37 4.25
CA TYR A 216 -22.55 0.02 3.70
C TYR A 216 -22.06 0.01 2.25
N ASP A 217 -22.73 0.76 1.39
CA ASP A 217 -22.45 0.62 -0.02
C ASP A 217 -21.08 1.15 -0.36
N SER A 218 -20.69 2.24 0.29
CA SER A 218 -19.51 3.01 -0.10
C SER A 218 -18.25 2.71 0.71
N ILE A 219 -18.35 2.11 1.89
CA ILE A 219 -17.21 1.91 2.78
C ILE A 219 -17.13 0.45 3.17
N ASN A 220 -18.14 -0.04 3.91
CA ASN A 220 -18.09 -1.43 4.36
C ASN A 220 -17.92 -2.39 3.20
N ASN A 221 -18.85 -2.32 2.21
CA ASN A 221 -18.74 -3.08 0.98
C ASN A 221 -17.93 -2.33 -0.08
N GLY A 222 -17.79 -1.01 0.07
CA GLY A 222 -17.02 -0.25 -0.92
C GLY A 222 -15.59 -0.73 -1.05
N VAL A 223 -14.95 -1.03 0.10
CA VAL A 223 -13.56 -1.52 0.00
C VAL A 223 -13.47 -2.85 -0.71
N TYR A 224 -14.51 -3.73 -0.62
CA TYR A 224 -14.51 -5.01 -1.28
C TYR A 224 -14.80 -4.89 -2.78
N LYS A 225 -15.77 -4.02 -3.14
CA LYS A 225 -15.98 -3.75 -4.57
C LYS A 225 -14.72 -3.15 -5.23
N THR A 226 -13.93 -2.40 -4.45
CA THR A 226 -12.65 -1.86 -4.94
C THR A 226 -11.62 -2.98 -5.05
N GLY A 227 -11.37 -3.74 -3.97
CA GLY A 227 -10.25 -4.65 -3.98
C GLY A 227 -10.47 -5.90 -4.77
N PHE A 228 -11.73 -6.35 -4.87
CA PHE A 228 -12.08 -7.52 -5.65
C PHE A 228 -12.40 -7.17 -7.11
N ALA A 229 -12.42 -5.88 -7.48
CA ALA A 229 -12.58 -5.59 -8.91
C ALA A 229 -11.47 -6.26 -9.72
N GLU A 230 -11.86 -6.84 -10.86
CA GLU A 230 -10.91 -7.42 -11.79
C GLU A 230 -10.77 -6.67 -13.08
N LYS A 231 -11.52 -5.58 -13.26
CA LYS A 231 -11.26 -4.64 -14.34
C LYS A 231 -10.91 -3.27 -13.77
N ALA A 232 -9.87 -2.61 -14.33
CA ALA A 232 -9.44 -1.32 -13.77
C ALA A 232 -10.55 -0.27 -13.73
N GLU A 233 -11.43 -0.24 -14.74
CA GLU A 233 -12.51 0.73 -14.75
C GLU A 233 -13.39 0.62 -13.49
N VAL A 234 -13.65 -0.60 -13.05
CA VAL A 234 -14.46 -0.84 -11.85
C VAL A 234 -13.66 -0.47 -10.60
N TYR A 235 -12.39 -0.91 -10.54
CA TYR A 235 -11.53 -0.50 -9.46
C TYR A 235 -11.56 1.01 -9.27
N GLU A 236 -11.37 1.78 -10.35
CA GLU A 236 -11.25 3.22 -10.22
C GLU A 236 -12.57 3.84 -9.76
N SER A 237 -13.70 3.40 -10.34
CA SER A 237 -14.98 3.90 -9.91
C SER A 237 -15.19 3.66 -8.41
N GLU A 238 -14.91 2.43 -7.97
CA GLU A 238 -15.19 2.09 -6.58
C GLU A 238 -14.22 2.77 -5.60
N VAL A 239 -12.93 2.86 -5.95
CA VAL A 239 -12.01 3.52 -5.03
C VAL A 239 -12.32 4.99 -4.89
N ASN A 240 -12.70 5.66 -5.98
CA ASN A 240 -13.06 7.06 -5.84
C ASN A 240 -14.27 7.20 -4.93
N ASN A 241 -15.20 6.26 -5.05
CA ASN A 241 -16.42 6.26 -4.23
C ASN A 241 -16.09 6.04 -2.77
N VAL A 242 -15.14 5.15 -2.44
CA VAL A 242 -14.74 4.95 -1.05
C VAL A 242 -14.27 6.26 -0.47
N PHE A 243 -13.29 6.91 -1.13
CA PHE A 243 -12.71 8.10 -0.54
C PHE A 243 -13.70 9.26 -0.50
N GLU A 244 -14.62 9.34 -1.47
CA GLU A 244 -15.63 10.39 -1.44
C GLU A 244 -16.51 10.24 -0.20
N HIS A 245 -16.77 9.01 0.19
CA HIS A 245 -17.60 8.76 1.35
C HIS A 245 -16.84 8.81 2.66
N LEU A 246 -15.55 8.47 2.66
CA LEU A 246 -14.77 8.77 3.85
C LEU A 246 -14.72 10.27 4.10
N ASP A 247 -14.62 11.07 3.03
CA ASP A 247 -14.69 12.51 3.18
C ASP A 247 -15.99 12.94 3.86
N LYS A 248 -17.09 12.26 3.53
CA LYS A 248 -18.40 12.56 4.15
C LYS A 248 -18.38 12.25 5.65
N VAL A 249 -17.83 11.09 6.02
CA VAL A 249 -17.72 10.72 7.43
C VAL A 249 -16.84 11.70 8.18
N GLU A 250 -15.66 12.02 7.60
CA GLU A 250 -14.73 12.95 8.20
C GLU A 250 -15.37 14.32 8.49
N LYS A 251 -16.18 14.82 7.54
CA LYS A 251 -16.92 16.09 7.71
C LYS A 251 -17.90 16.00 8.89
N ILE A 252 -18.63 14.89 8.98
CA ILE A 252 -19.57 14.69 10.08
C ILE A 252 -18.83 14.77 11.40
N LEU A 253 -17.72 14.01 11.51
CA LEU A 253 -16.96 13.98 12.74
C LEU A 253 -16.25 15.30 13.04
N SER A 254 -15.75 16.00 12.01
CA SER A 254 -15.13 17.31 12.22
C SER A 254 -16.14 18.31 12.78
N ASP A 255 -17.32 18.36 12.18
CA ASP A 255 -18.37 19.24 12.68
C ASP A 255 -18.74 18.88 14.12
N LYS A 256 -18.85 17.59 14.42
CA LYS A 256 -19.17 17.17 15.79
C LYS A 256 -18.06 17.55 16.77
N TYR A 257 -16.81 17.35 16.40
CA TYR A 257 -15.71 17.79 17.25
C TYR A 257 -15.76 19.29 17.51
N SER A 258 -16.03 20.08 16.47
CA SER A 258 -16.08 21.53 16.64
C SER A 258 -17.15 21.88 17.66
N LYS A 259 -18.30 21.24 17.59
CA LYS A 259 -19.39 21.53 18.53
C LYS A 259 -18.98 21.14 19.95
N LEU A 260 -18.33 19.98 20.10
CA LEU A 260 -17.86 19.52 21.40
C LEU A 260 -16.76 20.43 21.97
N LYS A 261 -15.85 20.89 21.11
CA LYS A 261 -14.83 21.83 21.56
C LYS A 261 -15.46 23.08 22.15
N ALA A 262 -16.53 23.57 21.53
CA ALA A 262 -17.24 24.73 22.07
C ALA A 262 -17.98 24.39 23.35
N LYS A 263 -18.65 23.24 23.37
CA LYS A 263 -19.40 22.85 24.55
C LYS A 263 -18.47 22.72 25.76
N TYR A 264 -17.29 22.16 25.55
CA TYR A 264 -16.46 21.70 26.66
C TYR A 264 -15.07 22.32 26.72
N GLY A 265 -14.61 22.95 25.65
CA GLY A 265 -13.26 23.47 25.63
C GLY A 265 -12.28 22.40 25.18
N GLU A 266 -11.37 22.76 24.28
CA GLU A 266 -10.42 21.79 23.71
C GLU A 266 -9.63 21.05 24.77
N GLU A 267 -9.49 21.61 25.98
CA GLU A 267 -8.67 20.99 27.01
C GLU A 267 -9.34 19.77 27.63
N ASP A 268 -10.66 19.69 27.58
CA ASP A 268 -11.36 18.62 28.28
C ASP A 268 -11.53 17.41 27.36
N ARG A 269 -10.38 16.80 27.02
CA ARG A 269 -10.38 15.73 26.03
C ARG A 269 -11.28 14.57 26.46
N GLN A 270 -11.32 14.25 27.75
CA GLN A 270 -12.15 13.13 28.16
C GLN A 270 -13.64 13.42 27.99
N LYS A 271 -14.11 14.63 28.27
CA LYS A 271 -15.53 14.92 28.05
C LYS A 271 -15.87 15.00 26.57
N ILE A 272 -14.95 15.50 25.76
CA ILE A 272 -15.20 15.52 24.33
C ILE A 272 -15.36 14.10 23.80
N LEU A 273 -14.41 13.24 24.10
CA LEU A 273 -14.42 11.90 23.55
C LEU A 273 -15.62 11.10 24.04
N GLY A 274 -16.11 11.38 25.25
CA GLY A 274 -17.29 10.70 25.77
C GLY A 274 -18.55 10.93 24.96
N GLU A 275 -18.55 11.91 24.06
CA GLU A 275 -19.67 12.16 23.18
C GLU A 275 -19.29 12.15 21.71
N PHE A 276 -18.09 11.67 21.39
CA PHE A 276 -17.55 11.82 20.01
C PHE A 276 -17.88 10.57 19.19
N PHE A 277 -19.08 10.54 18.57
CA PHE A 277 -19.61 9.40 17.85
C PHE A 277 -20.27 9.84 16.55
N THR A 278 -20.47 8.87 15.66
CA THR A 278 -20.95 9.18 14.30
C THR A 278 -22.38 9.71 14.31
N VAL A 279 -23.25 9.12 15.13
CA VAL A 279 -24.67 9.46 15.16
C VAL A 279 -25.03 9.85 16.60
N GLY A 280 -25.56 11.05 16.77
CA GLY A 280 -25.86 11.58 18.06
C GLY A 280 -24.64 11.74 18.93
N ASP A 281 -24.86 11.60 20.23
CA ASP A 281 -23.83 11.86 21.23
C ASP A 281 -23.51 10.65 22.09
N GLN A 282 -23.86 9.45 21.63
CA GLN A 282 -23.57 8.20 22.33
C GLN A 282 -23.14 7.13 21.32
N LEU A 283 -22.51 6.08 21.86
CA LEU A 283 -22.15 4.91 21.06
C LEU A 283 -23.39 4.20 20.56
N THR A 284 -23.42 3.96 19.28
CA THR A 284 -24.47 3.24 18.60
C THR A 284 -23.93 2.21 17.65
N GLU A 285 -24.85 1.42 17.13
CA GLU A 285 -24.58 0.45 16.07
C GLU A 285 -23.87 1.08 14.87
N ALA A 286 -24.17 2.35 14.58
CA ALA A 286 -23.53 3.01 13.43
C ALA A 286 -22.03 3.03 13.64
N ASP A 287 -21.59 3.30 14.88
CA ASP A 287 -20.14 3.28 15.17
C ASP A 287 -19.57 1.88 14.98
N ILE A 288 -20.28 0.88 15.46
CA ILE A 288 -19.81 -0.49 15.38
C ILE A 288 -19.58 -0.89 13.94
N ARG A 289 -20.57 -0.61 13.09
CA ARG A 289 -20.50 -1.03 11.71
C ARG A 289 -19.39 -0.29 10.98
N LEU A 290 -19.21 1.00 11.25
CA LEU A 290 -18.11 1.72 10.58
C LEU A 290 -16.78 1.22 11.10
N TYR A 291 -16.67 0.98 12.39
CA TYR A 291 -15.38 0.60 13.02
C TYR A 291 -14.76 -0.64 12.36
N THR A 292 -15.54 -1.65 12.08
CA THR A 292 -14.94 -2.91 11.64
C THR A 292 -14.22 -2.72 10.30
N THR A 293 -14.67 -1.77 9.48
CA THR A 293 -13.95 -1.41 8.27
C THR A 293 -12.76 -0.53 8.59
N VAL A 294 -13.00 0.56 9.32
CA VAL A 294 -11.95 1.55 9.57
C VAL A 294 -10.75 0.92 10.28
N ILE A 295 -10.96 -0.01 11.23
CA ILE A 295 -9.85 -0.65 11.94
C ILE A 295 -8.99 -1.53 11.04
N ARG A 296 -9.56 -2.01 9.94
CA ARG A 296 -8.89 -2.84 8.94
C ARG A 296 -8.28 -2.01 7.81
N PHE A 297 -8.57 -0.72 7.80
CA PHE A 297 -8.27 0.07 6.59
C PHE A 297 -6.78 0.24 6.41
N ASP A 298 -6.07 0.74 7.43
CA ASP A 298 -4.63 0.91 7.28
C ASP A 298 -3.89 -0.43 7.30
N PRO A 299 -4.24 -1.38 8.16
CA PRO A 299 -3.51 -2.66 8.15
C PRO A 299 -3.64 -3.49 6.88
N VAL A 300 -4.78 -3.42 6.18
CA VAL A 300 -5.07 -4.25 5.01
C VAL A 300 -5.58 -3.47 3.81
N TYR A 301 -6.65 -2.69 3.96
CA TYR A 301 -7.35 -2.25 2.77
C TYR A 301 -6.50 -1.32 1.89
N VAL A 302 -5.65 -0.50 2.49
CA VAL A 302 -4.76 0.39 1.73
C VAL A 302 -3.87 -0.41 0.74
N GLN A 303 -3.07 -1.34 1.23
CA GLN A 303 -2.17 -2.09 0.36
C GLN A 303 -2.87 -3.15 -0.45
N HIS A 304 -3.72 -3.91 0.21
CA HIS A 304 -4.21 -5.15 -0.32
C HIS A 304 -5.39 -4.92 -1.23
N PHE A 305 -6.31 -4.05 -0.85
CA PHE A 305 -7.44 -3.68 -1.70
C PHE A 305 -7.19 -2.39 -2.48
N LYS A 306 -5.97 -1.85 -2.44
CA LYS A 306 -5.58 -0.71 -3.25
C LYS A 306 -6.41 0.52 -2.97
N CYS A 307 -6.87 0.65 -1.70
CA CYS A 307 -7.66 1.78 -1.29
C CYS A 307 -6.70 2.80 -0.70
N ASN A 308 -5.95 3.49 -1.59
CA ASN A 308 -4.68 4.07 -1.15
C ASN A 308 -4.45 5.51 -1.56
N PHE A 309 -5.49 6.29 -1.83
CA PHE A 309 -5.30 7.74 -2.00
C PHE A 309 -4.51 8.32 -0.85
N THR A 310 -4.88 7.89 0.36
CA THR A 310 -4.24 8.20 1.61
C THR A 310 -4.64 7.10 2.58
N SER A 311 -4.12 7.20 3.81
CA SER A 311 -4.49 6.29 4.89
C SER A 311 -5.34 7.03 5.89
N ILE A 312 -6.01 6.28 6.77
CA ILE A 312 -6.71 6.92 7.87
C ILE A 312 -5.76 7.75 8.72
N ARG A 313 -4.63 7.16 9.11
CA ARG A 313 -3.78 7.84 10.07
C ARG A 313 -3.16 9.11 9.45
N ALA A 314 -2.87 9.09 8.16
CA ALA A 314 -2.28 10.27 7.54
C ALA A 314 -3.30 11.24 7.01
N GLY A 315 -4.48 10.77 6.56
CA GLY A 315 -5.36 11.60 5.78
C GLY A 315 -6.68 12.00 6.39
N TYR A 316 -7.06 11.35 7.47
CA TYR A 316 -8.40 11.50 8.05
C TYR A 316 -8.30 11.72 9.56
N PRO A 317 -7.94 12.92 9.99
CA PRO A 317 -7.68 13.13 11.42
C PRO A 317 -8.88 12.86 12.34
N PHE A 318 -10.09 13.23 11.93
CA PHE A 318 -11.21 13.01 12.82
C PHE A 318 -11.63 11.55 12.86
N ILE A 319 -11.70 10.86 11.71
CA ILE A 319 -11.89 9.41 11.75
C ILE A 319 -10.78 8.74 12.58
N HIS A 320 -9.54 9.20 12.42
CA HIS A 320 -8.44 8.58 13.14
C HIS A 320 -8.60 8.76 14.67
N LEU A 321 -9.04 9.94 15.11
CA LEU A 321 -9.28 10.14 16.54
C LEU A 321 -10.43 9.27 17.04
N TRP A 322 -11.51 9.21 16.25
CA TRP A 322 -12.67 8.42 16.60
C TRP A 322 -12.33 6.92 16.71
N VAL A 323 -11.55 6.37 15.77
CA VAL A 323 -11.34 4.93 15.79
C VAL A 323 -10.35 4.56 16.90
N ARG A 324 -9.37 5.43 17.16
CA ARG A 324 -8.46 5.20 18.26
C ARG A 324 -9.16 5.29 19.59
N ASN A 325 -10.12 6.21 19.73
CA ASN A 325 -10.89 6.28 20.98
C ASN A 325 -11.65 4.97 21.21
N LEU A 326 -12.28 4.43 20.16
CA LEU A 326 -13.02 3.17 20.30
C LEU A 326 -12.06 2.02 20.62
N TYR A 327 -10.98 1.92 19.87
CA TYR A 327 -10.09 0.79 20.08
C TYR A 327 -9.48 0.82 21.46
N TRP A 328 -8.89 1.94 21.88
CA TRP A 328 -8.11 1.95 23.12
C TRP A 328 -8.96 2.03 24.35
N ASN A 329 -10.13 2.66 24.24
CA ASN A 329 -10.89 3.04 25.42
C ASN A 329 -12.10 2.16 25.65
N TYR A 330 -12.43 1.25 24.74
CA TYR A 330 -13.56 0.33 24.90
C TYR A 330 -13.08 -1.11 24.71
N ASP A 331 -13.08 -1.89 25.78
CA ASP A 331 -12.56 -3.25 25.71
C ASP A 331 -13.31 -4.11 24.68
N ALA A 332 -14.61 -3.86 24.46
CA ALA A 332 -15.37 -4.67 23.49
C ALA A 332 -14.77 -4.57 22.09
N PHE A 333 -14.15 -3.42 21.81
CA PHE A 333 -13.48 -3.19 20.53
C PHE A 333 -12.06 -3.76 20.55
N ARG A 334 -11.24 -3.31 21.51
CA ARG A 334 -9.84 -3.74 21.51
C ARG A 334 -9.72 -5.26 21.51
N TYR A 335 -10.46 -5.92 22.42
CA TYR A 335 -10.22 -7.34 22.68
C TYR A 335 -10.98 -8.25 21.76
N THR A 336 -11.69 -7.69 20.78
CA THR A 336 -12.20 -8.45 19.65
C THR A 336 -11.47 -8.18 18.36
N THR A 337 -10.46 -7.31 18.40
CA THR A 337 -9.68 -6.89 17.21
C THR A 337 -8.39 -7.68 17.21
N ASP A 338 -8.23 -8.57 16.23
CA ASP A 338 -7.07 -9.45 16.13
C ASP A 338 -6.38 -9.11 14.80
N PHE A 339 -5.31 -8.32 14.89
CA PHE A 339 -4.62 -7.90 13.69
C PHE A 339 -3.85 -9.03 13.00
N ASP A 340 -3.44 -10.09 13.69
CA ASP A 340 -2.83 -11.20 12.99
C ASP A 340 -3.84 -11.89 12.12
N HIS A 341 -5.01 -12.18 12.65
CA HIS A 341 -6.04 -12.81 11.83
C HIS A 341 -6.43 -11.91 10.66
N ILE A 342 -6.59 -10.61 10.92
CA ILE A 342 -6.96 -9.66 9.87
C ILE A 342 -5.93 -9.69 8.74
N LYS A 343 -4.66 -9.45 9.07
CA LYS A 343 -3.66 -9.34 8.00
C LYS A 343 -3.43 -10.66 7.29
N LEU A 344 -3.34 -11.74 8.07
CA LEU A 344 -3.12 -13.05 7.45
C LEU A 344 -4.29 -13.47 6.58
N HIS A 345 -5.52 -13.29 7.05
CA HIS A 345 -6.66 -13.74 6.23
C HIS A 345 -6.59 -13.17 4.83
N TYR A 346 -6.54 -11.84 4.73
CA TYR A 346 -6.69 -11.22 3.44
C TYR A 346 -5.52 -11.54 2.55
N THR A 347 -4.30 -11.39 3.08
CA THR A 347 -3.12 -11.51 2.24
C THR A 347 -2.82 -12.96 1.85
N ARG A 348 -3.18 -13.92 2.69
CA ARG A 348 -2.92 -15.33 2.41
C ARG A 348 -4.06 -16.02 1.69
N SER A 349 -5.26 -15.45 1.67
CA SER A 349 -6.37 -16.14 1.03
C SER A 349 -6.70 -15.64 -0.37
N HIS A 350 -6.30 -14.43 -0.74
CA HIS A 350 -6.75 -13.82 -1.98
C HIS A 350 -5.63 -13.94 -3.02
N THR A 351 -5.55 -15.12 -3.64
CA THR A 351 -4.48 -15.44 -4.58
C THR A 351 -4.49 -14.57 -5.82
N ARG A 352 -5.64 -14.07 -6.24
CA ARG A 352 -5.69 -13.22 -7.43
C ARG A 352 -5.31 -11.79 -7.15
N ILE A 353 -5.05 -11.46 -5.89
CA ILE A 353 -4.50 -10.17 -5.49
C ILE A 353 -3.03 -10.32 -5.08
N ASN A 354 -2.72 -11.30 -4.27
CA ASN A 354 -1.39 -11.47 -3.69
C ASN A 354 -1.00 -12.89 -4.03
N PRO A 355 -0.38 -13.11 -5.20
CA PRO A 355 -0.24 -14.50 -5.69
C PRO A 355 0.70 -15.34 -4.88
N LEU A 356 1.71 -14.74 -4.27
CA LEU A 356 2.66 -15.50 -3.48
C LEU A 356 2.31 -15.56 -2.00
N GLY A 357 1.20 -14.95 -1.60
CA GLY A 357 0.87 -15.06 -0.20
C GLY A 357 1.86 -14.49 0.81
N ILE A 358 2.44 -13.33 0.51
CA ILE A 358 3.42 -12.68 1.36
C ILE A 358 2.73 -11.52 2.05
N THR A 359 2.64 -11.59 3.38
CA THR A 359 1.92 -10.60 4.17
C THR A 359 2.82 -9.38 4.41
N PRO A 360 2.45 -8.18 3.99
CA PRO A 360 3.25 -7.01 4.31
C PRO A 360 3.37 -6.80 5.79
N LEU A 361 4.55 -6.36 6.23
CA LEU A 361 4.79 -6.14 7.65
C LEU A 361 4.23 -4.81 8.10
N GLY A 362 4.06 -3.86 7.20
CA GLY A 362 3.53 -2.59 7.55
C GLY A 362 2.05 -2.49 7.23
N PRO A 363 1.43 -1.36 7.54
CA PRO A 363 2.05 -0.24 8.28
C PRO A 363 2.34 -0.59 9.72
N LYS A 364 3.32 0.08 10.30
CA LYS A 364 3.65 -0.05 11.71
C LYS A 364 3.29 1.27 12.40
N PRO A 365 2.57 1.19 13.52
CA PRO A 365 1.96 0.01 14.11
C PRO A 365 0.58 -0.28 13.50
N ASP A 366 -0.05 -1.39 13.89
CA ASP A 366 -1.38 -1.67 13.32
C ASP A 366 -2.37 -0.54 13.61
N ILE A 367 -2.37 -0.04 14.85
CA ILE A 367 -3.16 1.13 15.21
C ILE A 367 -2.30 2.01 16.13
N ARG A 368 -2.24 3.29 15.83
CA ARG A 368 -1.40 4.17 16.64
C ARG A 368 -2.04 4.43 18.00
N PRO A 369 -1.22 4.66 19.02
CA PRO A 369 -1.74 5.07 20.32
C PRO A 369 -2.46 6.40 20.20
N LEU A 370 -3.37 6.64 21.16
CA LEU A 370 -4.08 7.91 21.16
C LEU A 370 -3.27 8.89 22.01
N LEU A 371 -2.29 9.50 21.37
CA LEU A 371 -1.43 10.47 21.99
C LEU A 371 -2.10 11.82 22.04
N GLU A 372 -2.17 12.41 23.24
CA GLU A 372 -2.78 13.73 23.46
C GLU A 372 -1.74 14.85 23.37
N GLY B 11 14.88 -18.01 -2.54
CA GLY B 11 13.81 -17.24 -3.12
C GLY B 11 14.16 -15.77 -3.33
N ALA B 12 15.45 -15.44 -3.27
CA ALA B 12 15.90 -14.07 -3.29
C ALA B 12 16.10 -13.55 -4.71
N PHE B 13 16.05 -12.22 -4.85
CA PHE B 13 16.39 -11.55 -6.10
C PHE B 13 17.89 -11.21 -6.13
N LYS B 14 18.58 -11.61 -7.22
CA LYS B 14 20.01 -11.32 -7.39
C LYS B 14 20.16 -10.53 -8.68
N ARG B 15 20.53 -9.27 -8.56
CA ARG B 15 20.70 -8.44 -9.75
C ARG B 15 21.94 -8.90 -10.52
N GLN B 16 21.81 -9.02 -11.83
CA GLN B 16 22.96 -9.44 -12.64
C GLN B 16 23.95 -8.29 -12.79
N VAL B 17 25.24 -8.63 -12.86
CA VAL B 17 26.25 -7.62 -13.13
C VAL B 17 26.15 -7.14 -14.58
N SER B 18 26.36 -5.85 -14.80
CA SER B 18 26.27 -5.30 -16.15
C SER B 18 27.50 -5.70 -16.96
N SER B 19 27.28 -6.04 -18.23
CA SER B 19 28.32 -6.61 -19.08
C SER B 19 29.16 -5.59 -19.83
N PHE B 20 28.64 -4.40 -20.13
CA PHE B 20 29.34 -3.44 -20.99
C PHE B 20 29.91 -2.36 -20.08
N ARG B 21 31.24 -2.33 -19.97
CA ARG B 21 31.92 -1.57 -18.95
C ARG B 21 33.06 -0.69 -19.49
N GLU B 22 32.88 -0.12 -20.66
CA GLU B 22 33.93 0.72 -21.22
C GLU B 22 33.69 2.18 -20.86
N THR B 23 34.65 3.03 -21.19
CA THR B 23 34.59 4.44 -20.92
C THR B 23 34.83 5.22 -22.22
N ILE B 24 34.69 6.54 -22.12
CA ILE B 24 34.92 7.49 -23.21
C ILE B 24 35.94 8.51 -22.73
N SER B 25 37.01 8.70 -23.51
CA SER B 25 38.04 9.67 -23.13
C SER B 25 38.89 9.94 -24.34
N LYS B 26 39.60 11.06 -24.28
CA LYS B 26 40.39 11.49 -25.43
C LYS B 26 41.45 10.46 -25.79
N GLN B 27 41.90 9.69 -24.80
CA GLN B 27 42.94 8.69 -24.93
C GLN B 27 42.40 7.32 -25.30
N HIS B 28 41.10 7.11 -25.21
CA HIS B 28 40.56 5.77 -25.40
C HIS B 28 40.80 5.31 -26.84
N PRO B 29 41.16 4.06 -27.06
CA PRO B 29 41.47 3.65 -28.45
C PRO B 29 40.25 3.61 -29.35
N ILE B 30 39.04 3.43 -28.80
CA ILE B 30 37.83 3.26 -29.60
C ILE B 30 36.87 4.42 -29.42
N TYR B 31 36.60 4.80 -28.18
CA TYR B 31 35.48 5.69 -27.89
C TYR B 31 36.03 7.03 -27.42
N LYS B 32 36.08 7.99 -28.32
CA LYS B 32 36.64 9.31 -28.01
C LYS B 32 35.49 10.30 -27.95
N PRO B 33 35.64 11.40 -27.23
CA PRO B 33 34.51 12.33 -27.10
C PRO B 33 34.22 13.08 -28.36
N ALA B 34 32.95 13.27 -28.65
CA ALA B 34 32.48 14.01 -29.81
C ALA B 34 31.02 14.30 -29.59
N LYS B 35 30.55 15.35 -30.21
CA LYS B 35 29.13 15.66 -30.35
C LYS B 35 28.51 14.79 -31.46
N GLY B 36 27.24 14.39 -31.30
CA GLY B 36 26.57 13.65 -32.36
C GLY B 36 27.01 12.22 -32.52
N ARG B 37 27.73 11.66 -31.56
CA ARG B 37 28.27 10.32 -31.67
C ARG B 37 27.57 9.34 -30.75
N TYR B 38 27.24 9.78 -29.52
CA TYR B 38 26.73 8.86 -28.51
C TYR B 38 25.26 9.10 -28.25
N TRP B 39 24.61 8.04 -27.77
CA TRP B 39 23.19 8.06 -27.50
C TRP B 39 22.92 7.38 -26.18
N LEU B 40 21.83 7.82 -25.57
CA LEU B 40 21.34 7.29 -24.29
C LEU B 40 19.94 6.76 -24.46
N TYR B 41 19.80 5.46 -24.30
CA TYR B 41 18.54 4.78 -24.38
C TYR B 41 18.13 4.44 -22.94
N VAL B 42 16.95 4.86 -22.57
CA VAL B 42 16.48 4.78 -21.19
C VAL B 42 15.03 4.33 -21.17
N SER B 43 14.58 3.97 -19.97
CA SER B 43 13.17 4.00 -19.61
C SER B 43 13.00 5.08 -18.58
N LEU B 44 11.90 5.83 -18.67
CA LEU B 44 11.56 6.80 -17.61
C LEU B 44 11.12 6.12 -16.34
N ALA B 45 10.74 4.85 -16.41
CA ALA B 45 10.28 4.21 -15.18
C ALA B 45 11.41 3.68 -14.34
N CYS B 46 12.58 3.46 -14.93
CA CYS B 46 13.68 2.74 -14.29
C CYS B 46 14.49 3.72 -13.47
N PRO B 47 14.72 3.47 -12.16
CA PRO B 47 15.53 4.41 -11.37
C PRO B 47 16.98 4.43 -11.71
N TRP B 48 17.48 3.35 -12.28
CA TRP B 48 18.86 3.30 -12.70
C TRP B 48 19.09 4.16 -13.92
N ALA B 49 18.19 4.01 -14.90
CA ALA B 49 18.30 4.86 -16.05
C ALA B 49 17.98 6.32 -15.74
N HIS B 50 17.07 6.56 -14.79
CA HIS B 50 16.79 7.91 -14.37
C HIS B 50 18.05 8.64 -13.90
N ARG B 51 18.98 7.95 -13.19
CA ARG B 51 20.21 8.58 -12.77
C ARG B 51 20.90 9.26 -13.95
N THR B 52 20.94 8.56 -15.08
CA THR B 52 21.65 9.04 -16.26
C THR B 52 20.97 10.27 -16.87
N LEU B 53 19.65 10.34 -16.85
CA LEU B 53 18.91 11.47 -17.40
C LEU B 53 19.16 12.69 -16.55
N ILE B 54 19.10 12.53 -15.21
CA ILE B 54 19.35 13.67 -14.34
C ILE B 54 20.76 14.19 -14.57
N THR B 55 21.72 13.28 -14.66
CA THR B 55 23.13 13.68 -14.80
C THR B 55 23.36 14.33 -16.16
N ARG B 56 22.74 13.77 -17.21
CA ARG B 56 22.84 14.38 -18.55
C ARG B 56 22.36 15.82 -18.53
N ALA B 57 21.27 16.09 -17.83
CA ALA B 57 20.73 17.45 -17.73
C ALA B 57 21.64 18.36 -16.92
N LEU B 58 22.05 17.93 -15.72
CA LEU B 58 22.89 18.77 -14.88
C LEU B 58 24.22 19.10 -15.51
N LYS B 59 24.77 18.23 -16.37
CA LYS B 59 26.04 18.49 -16.98
C LYS B 59 25.90 19.14 -18.34
N GLY B 60 24.69 19.56 -18.72
CA GLY B 60 24.54 20.32 -19.97
C GLY B 60 24.76 19.50 -21.23
N LEU B 61 24.45 18.20 -21.22
CA LEU B 61 24.79 17.30 -22.31
C LEU B 61 23.62 16.90 -23.20
N THR B 62 22.47 17.55 -23.06
CA THR B 62 21.29 17.15 -23.85
C THR B 62 21.46 17.32 -25.35
N SER B 63 22.23 18.31 -25.79
CA SER B 63 22.51 18.50 -27.22
C SER B 63 23.67 17.69 -27.69
N VAL B 64 24.49 17.20 -26.79
CA VAL B 64 25.70 16.44 -27.11
C VAL B 64 25.38 14.97 -27.28
N ILE B 65 24.50 14.46 -26.40
CA ILE B 65 24.16 13.02 -26.34
C ILE B 65 22.64 12.94 -26.49
N GLY B 66 22.17 12.37 -27.60
CA GLY B 66 20.75 12.25 -27.81
C GLY B 66 20.13 11.18 -26.90
N CYS B 67 18.84 11.23 -26.80
CA CYS B 67 18.09 10.30 -25.96
C CYS B 67 16.87 9.76 -26.66
N SER B 68 16.60 8.48 -26.44
CA SER B 68 15.37 7.82 -26.83
C SER B 68 14.85 7.01 -25.64
N VAL B 69 13.55 6.74 -25.64
CA VAL B 69 12.81 6.23 -24.46
C VAL B 69 12.00 5.03 -24.86
N VAL B 70 12.29 3.89 -24.23
CA VAL B 70 11.47 2.70 -24.41
C VAL B 70 10.10 2.86 -23.71
N HIS B 71 9.17 1.99 -24.10
CA HIS B 71 7.84 1.92 -23.49
C HIS B 71 7.95 1.50 -22.04
N TRP B 72 6.99 1.93 -21.25
CA TRP B 72 6.97 1.57 -19.84
C TRP B 72 6.54 0.12 -19.62
N HIS B 73 5.90 -0.49 -20.59
CA HIS B 73 5.47 -1.87 -20.42
C HIS B 73 6.61 -2.80 -20.76
N LEU B 74 6.97 -3.67 -19.82
CA LEU B 74 8.05 -4.63 -19.96
C LEU B 74 7.46 -6.02 -20.07
N ASP B 75 7.43 -6.55 -21.30
CA ASP B 75 6.94 -7.90 -21.54
C ASP B 75 8.11 -8.89 -21.59
N GLU B 76 7.80 -10.14 -22.01
CA GLU B 76 8.76 -11.22 -21.95
C GLU B 76 9.87 -11.05 -22.98
N LYS B 77 9.69 -10.19 -23.97
CA LYS B 77 10.73 -9.94 -24.97
C LYS B 77 11.53 -8.67 -24.70
N GLY B 78 11.35 -8.07 -23.53
CA GLY B 78 12.22 -7.00 -23.08
C GLY B 78 11.73 -5.64 -23.51
N TRP B 79 12.50 -4.63 -23.07
CA TRP B 79 12.05 -3.26 -23.35
C TRP B 79 11.84 -3.10 -24.86
N ARG B 80 10.83 -2.31 -25.22
CA ARG B 80 10.49 -2.10 -26.62
C ARG B 80 10.27 -0.63 -26.96
N PHE B 81 10.33 -0.32 -28.26
CA PHE B 81 10.08 1.04 -28.76
C PHE B 81 8.77 1.04 -29.53
N LEU B 82 8.23 2.24 -29.78
CA LEU B 82 7.09 2.35 -30.70
C LEU B 82 7.58 2.29 -32.13
N ASP B 83 6.71 1.79 -33.01
CA ASP B 83 7.12 1.58 -34.42
C ASP B 83 6.69 2.73 -35.29
N LEU B 95 14.51 16.25 -33.81
CA LEU B 95 15.70 16.79 -33.16
C LEU B 95 15.37 17.42 -31.79
N GLU B 96 14.23 18.14 -31.74
CA GLU B 96 13.78 18.74 -30.50
C GLU B 96 13.51 17.64 -29.48
N HIS B 97 13.22 16.43 -29.94
CA HIS B 97 12.94 15.36 -29.01
C HIS B 97 14.25 14.72 -28.57
N TRP B 98 15.13 14.44 -29.52
CA TRP B 98 16.38 13.76 -29.21
C TRP B 98 17.15 14.54 -28.19
N HIS B 99 17.08 15.87 -28.25
CA HIS B 99 17.94 16.71 -27.43
C HIS B 99 17.20 17.32 -26.27
N ASP B 100 16.06 16.75 -25.91
CA ASP B 100 15.26 17.11 -24.76
C ASP B 100 15.68 16.29 -23.55
N VAL B 101 15.44 16.85 -22.37
CA VAL B 101 15.85 16.20 -21.11
C VAL B 101 15.21 14.85 -20.90
N ALA B 102 14.03 14.62 -21.52
CA ALA B 102 13.28 13.37 -21.37
C ALA B 102 13.02 12.77 -22.74
N GLY B 103 13.89 13.07 -23.70
CA GLY B 103 13.69 12.50 -25.03
C GLY B 103 12.43 12.95 -25.72
N GLY B 104 11.75 13.96 -25.22
CA GLY B 104 10.54 14.43 -25.87
C GLY B 104 9.28 13.91 -25.26
N ILE B 105 9.37 12.95 -24.33
CA ILE B 105 8.18 12.39 -23.72
C ILE B 105 7.46 13.44 -22.91
N ARG B 106 6.17 13.51 -23.07
CA ARG B 106 5.37 14.40 -22.25
C ARG B 106 4.26 13.61 -21.63
N THR B 107 3.93 13.97 -20.41
CA THR B 107 2.85 13.29 -19.74
C THR B 107 1.53 13.75 -20.36
N ALA B 108 0.62 12.80 -20.53
CA ALA B 108 -0.66 13.12 -21.15
C ALA B 108 -1.43 14.07 -20.23
N LYS B 109 -2.25 14.92 -20.85
CA LYS B 109 -3.12 15.84 -20.09
C LYS B 109 -4.14 15.06 -19.28
N SER B 115 -6.94 8.95 -14.03
CA SER B 115 -7.24 7.59 -14.48
C SER B 115 -6.09 6.88 -15.27
N PHE B 116 -5.98 5.55 -15.11
CA PHE B 116 -5.14 4.67 -15.92
C PHE B 116 -5.92 3.58 -16.65
N ALA B 117 -7.21 3.42 -16.37
CA ALA B 117 -7.94 2.26 -16.83
C ALA B 117 -8.07 2.19 -18.34
N GLU B 118 -8.13 3.33 -19.02
CA GLU B 118 -8.24 3.29 -20.46
C GLU B 118 -6.92 3.02 -21.13
N ILE B 119 -5.82 3.04 -20.40
CA ILE B 119 -4.49 2.81 -20.99
C ILE B 119 -4.20 1.32 -20.92
N LYS B 120 -4.13 0.64 -22.06
CA LYS B 120 -3.78 -0.76 -22.08
C LYS B 120 -2.27 -0.93 -22.19
N ASN B 121 -1.81 -2.16 -21.98
CA ASN B 121 -0.40 -2.40 -21.95
C ASN B 121 0.22 -2.24 -23.32
N ASP B 122 -0.56 -2.36 -24.39
CA ASP B 122 -0.07 -2.16 -25.75
C ASP B 122 -0.36 -0.76 -26.27
N SER B 123 -0.54 0.21 -25.37
CA SER B 123 -0.86 1.58 -25.71
C SER B 123 0.24 2.16 -26.61
N GLN B 124 -0.19 2.98 -27.57
CA GLN B 124 0.62 3.47 -28.65
C GLN B 124 0.57 4.98 -28.79
N ARG B 125 0.73 5.70 -27.70
CA ARG B 125 0.67 7.16 -27.74
C ARG B 125 2.08 7.65 -28.03
N PHE B 126 2.34 7.99 -29.28
CA PHE B 126 3.67 8.39 -29.64
C PHE B 126 4.09 9.66 -28.89
N MET B 127 5.29 9.62 -28.28
CA MET B 127 5.87 10.67 -27.47
C MET B 127 5.16 10.84 -26.13
N VAL B 128 4.36 9.86 -25.76
CA VAL B 128 3.72 9.82 -24.46
C VAL B 128 4.11 8.50 -23.76
N ASP B 129 3.86 7.37 -24.39
CA ASP B 129 4.23 6.08 -23.84
C ASP B 129 5.67 5.70 -24.13
N ALA B 130 6.25 6.20 -25.23
CA ALA B 130 7.57 5.80 -25.71
C ALA B 130 7.92 6.67 -26.90
N THR B 131 9.19 6.64 -27.27
CA THR B 131 9.64 7.15 -28.56
C THR B 131 9.89 5.96 -29.49
N ASN B 132 10.27 6.28 -30.73
CA ASN B 132 10.81 5.25 -31.58
C ASN B 132 12.29 5.07 -31.27
N GLU B 133 12.93 4.13 -31.99
CA GLU B 133 14.37 4.01 -32.03
C GLU B 133 14.80 4.66 -33.33
N PRO B 134 15.35 5.87 -33.29
CA PRO B 134 15.46 6.68 -34.52
C PRO B 134 16.57 6.30 -35.45
N HIS B 135 17.58 5.54 -35.04
CA HIS B 135 18.74 5.35 -35.90
C HIS B 135 18.62 4.15 -36.84
N TYR B 136 17.95 3.11 -36.39
CA TYR B 136 17.82 1.85 -37.10
C TYR B 136 16.40 1.34 -37.22
N GLY B 137 15.45 1.96 -36.54
CA GLY B 137 14.10 1.53 -36.60
C GLY B 137 13.85 0.28 -35.81
N TYR B 138 14.72 -0.01 -34.81
CA TYR B 138 14.56 -1.25 -34.06
C TYR B 138 13.32 -1.16 -33.17
N LYS B 139 12.67 -2.29 -33.01
CA LYS B 139 11.47 -2.35 -32.19
C LYS B 139 11.80 -2.78 -30.79
N ARG B 140 12.97 -3.38 -30.59
CA ARG B 140 13.30 -3.98 -29.30
C ARG B 140 14.70 -3.53 -28.86
N ILE B 141 14.86 -3.24 -27.57
CA ILE B 141 16.19 -2.90 -27.08
C ILE B 141 17.16 -4.07 -27.31
N SER B 142 16.64 -5.30 -27.32
CA SER B 142 17.51 -6.44 -27.62
C SER B 142 18.22 -6.32 -28.98
N ASP B 143 17.61 -5.64 -29.95
CA ASP B 143 18.25 -5.43 -31.27
C ASP B 143 19.58 -4.71 -31.10
N LEU B 144 19.65 -3.73 -30.18
CA LEU B 144 20.91 -3.02 -29.93
C LEU B 144 21.94 -3.95 -29.28
N TYR B 145 21.51 -4.74 -28.29
CA TYR B 145 22.41 -5.67 -27.66
C TYR B 145 22.97 -6.67 -28.65
N TYR B 146 22.11 -7.26 -29.49
CA TYR B 146 22.61 -8.25 -30.44
C TYR B 146 23.53 -7.64 -31.49
N LYS B 147 23.26 -6.41 -31.92
CA LYS B 147 24.16 -5.76 -32.86
C LYS B 147 25.55 -5.60 -32.25
N SER B 148 25.61 -5.15 -31.00
CA SER B 148 26.88 -4.99 -30.32
C SER B 148 27.58 -6.34 -30.07
N ASP B 149 26.85 -7.35 -29.63
CA ASP B 149 27.41 -8.66 -29.24
C ASP B 149 26.40 -9.73 -29.66
N PRO B 150 26.57 -10.30 -30.85
CA PRO B 150 25.62 -11.31 -31.33
C PRO B 150 25.50 -12.52 -30.42
N GLN B 151 26.44 -12.74 -29.52
CA GLN B 151 26.39 -13.84 -28.55
C GLN B 151 25.86 -13.41 -27.20
N TYR B 152 25.35 -12.19 -27.07
CA TYR B 152 24.85 -11.75 -25.78
C TYR B 152 23.80 -12.74 -25.27
N SER B 153 23.88 -13.09 -23.98
CA SER B 153 22.93 -14.02 -23.39
C SER B 153 22.34 -13.57 -22.06
N ALA B 154 22.52 -12.32 -21.66
CA ALA B 154 22.04 -11.85 -20.37
C ALA B 154 20.78 -10.99 -20.53
N ARG B 155 20.48 -10.18 -19.52
CA ARG B 155 19.24 -9.42 -19.58
C ARG B 155 19.49 -8.14 -20.38
N PHE B 156 18.45 -7.72 -21.09
CA PHE B 156 18.54 -6.55 -21.96
C PHE B 156 18.11 -5.31 -21.17
N THR B 157 19.03 -4.78 -20.39
CA THR B 157 18.67 -3.73 -19.43
C THR B 157 18.85 -2.32 -19.97
N VAL B 158 18.14 -1.40 -19.37
CA VAL B 158 18.39 0.04 -19.50
C VAL B 158 19.10 0.50 -18.26
N PRO B 159 19.87 1.58 -18.34
CA PRO B 159 20.21 2.40 -19.50
C PRO B 159 21.30 1.80 -20.37
N VAL B 160 21.31 2.25 -21.62
CA VAL B 160 22.34 1.89 -22.58
C VAL B 160 22.96 3.18 -23.13
N LEU B 161 24.27 3.30 -22.96
CA LEU B 161 25.11 4.30 -23.62
C LEU B 161 25.72 3.67 -24.87
N TRP B 162 25.29 4.19 -26.02
CA TRP B 162 25.46 3.62 -27.36
C TRP B 162 26.40 4.49 -28.19
N ASP B 163 27.30 3.84 -28.96
CA ASP B 163 28.18 4.55 -29.92
C ASP B 163 27.64 4.34 -31.32
N LEU B 164 27.15 5.43 -31.93
CA LEU B 164 26.68 5.37 -33.32
C LEU B 164 27.78 5.02 -34.31
N GLU B 165 29.05 5.33 -34.04
CA GLU B 165 30.08 5.07 -35.06
C GLU B 165 30.30 3.57 -35.20
N THR B 166 30.68 2.89 -34.10
CA THR B 166 30.94 1.47 -34.11
C THR B 166 29.68 0.61 -33.97
N GLN B 167 28.55 1.22 -33.65
CA GLN B 167 27.30 0.48 -33.38
C GLN B 167 27.50 -0.55 -32.28
N THR B 168 28.00 -0.06 -31.14
CA THR B 168 28.23 -0.92 -29.98
C THR B 168 27.72 -0.22 -28.71
N ILE B 169 27.49 -1.03 -27.68
CA ILE B 169 27.22 -0.49 -26.36
C ILE B 169 28.54 -0.14 -25.68
N VAL B 170 28.72 1.14 -25.35
CA VAL B 170 29.88 1.60 -24.59
C VAL B 170 29.82 1.10 -23.15
N ASN B 171 28.67 1.31 -22.52
CA ASN B 171 28.49 1.07 -21.10
C ASN B 171 27.01 0.93 -20.83
N ASN B 172 26.66 -0.07 -20.01
CA ASN B 172 25.27 -0.25 -19.58
C ASN B 172 25.19 -0.39 -18.06
N GLU B 173 26.14 0.18 -17.34
CA GLU B 173 26.10 0.26 -15.88
C GLU B 173 25.84 1.71 -15.43
N SER B 174 24.67 1.95 -14.83
CA SER B 174 24.27 3.33 -14.58
C SER B 174 25.27 4.05 -13.68
N SER B 175 25.93 3.32 -12.74
CA SER B 175 26.84 4.01 -11.83
C SER B 175 28.06 4.52 -12.56
N GLU B 176 28.42 3.84 -13.66
CA GLU B 176 29.57 4.25 -14.48
C GLU B 176 29.16 5.28 -15.51
N ILE B 177 27.99 5.09 -16.14
CA ILE B 177 27.52 6.11 -17.09
C ILE B 177 27.52 7.47 -16.43
N ILE B 178 27.06 7.57 -15.17
CA ILE B 178 27.00 8.90 -14.59
C ILE B 178 28.39 9.47 -14.31
N ARG B 179 29.39 8.61 -14.06
CA ARG B 179 30.77 9.08 -13.94
C ARG B 179 31.32 9.55 -15.27
N ILE B 180 30.96 8.85 -16.35
CA ILE B 180 31.39 9.28 -17.70
C ILE B 180 30.84 10.66 -18.01
N LEU B 181 29.56 10.85 -17.74
CA LEU B 181 28.88 12.09 -18.00
C LEU B 181 29.45 13.22 -17.18
N ASN B 182 29.80 12.97 -15.92
CA ASN B 182 30.34 14.01 -15.08
C ASN B 182 31.80 14.30 -15.36
N SER B 183 32.52 13.37 -15.98
CA SER B 183 33.96 13.52 -16.28
C SER B 183 34.26 14.67 -17.22
N SER B 184 35.55 14.87 -17.45
CA SER B 184 35.94 15.91 -18.37
C SER B 184 35.74 15.54 -19.83
N ALA B 185 35.27 14.32 -20.14
CA ALA B 185 35.28 13.84 -21.53
C ALA B 185 34.62 14.83 -22.48
N PHE B 186 33.45 15.36 -22.13
CA PHE B 186 32.63 16.15 -23.05
C PHE B 186 32.80 17.64 -22.83
N ASP B 187 33.87 18.05 -22.12
CA ASP B 187 33.98 19.45 -21.73
C ASP B 187 34.11 20.39 -22.92
N GLU B 188 34.70 19.95 -24.02
CA GLU B 188 34.80 20.83 -25.18
C GLU B 188 33.45 21.16 -25.76
N PHE B 189 32.44 20.31 -25.55
CA PHE B 189 31.19 20.47 -26.27
C PHE B 189 30.09 21.09 -25.42
N VAL B 190 30.43 21.53 -24.22
CA VAL B 190 29.45 22.11 -23.31
C VAL B 190 29.84 23.54 -23.02
N ASP B 191 28.91 24.24 -22.43
CA ASP B 191 29.18 25.63 -22.13
C ASP B 191 29.94 25.76 -20.81
N ASP B 192 30.39 26.99 -20.57
CA ASP B 192 31.26 27.25 -19.43
C ASP B 192 30.60 26.91 -18.10
N ASP B 193 29.31 27.20 -17.93
CA ASP B 193 28.68 26.93 -16.63
C ASP B 193 28.58 25.43 -16.33
N HIS B 194 28.28 24.61 -17.33
CA HIS B 194 28.10 23.20 -17.08
C HIS B 194 29.41 22.46 -16.90
N LYS B 195 30.45 22.83 -17.66
CA LYS B 195 31.75 22.21 -17.50
C LYS B 195 32.18 22.23 -16.04
N LYS B 196 31.92 23.36 -15.35
CA LYS B 196 32.37 23.61 -13.99
C LYS B 196 31.62 22.77 -12.97
N THR B 197 30.42 22.27 -13.32
CA THR B 197 29.65 21.49 -12.36
C THR B 197 30.39 20.18 -12.14
N ASP B 198 30.52 19.78 -10.89
CA ASP B 198 31.23 18.54 -10.60
C ASP B 198 30.37 17.86 -9.54
N LEU B 199 29.75 16.76 -9.93
CA LEU B 199 28.87 15.99 -9.07
C LEU B 199 29.63 15.00 -8.20
N VAL B 200 30.94 14.90 -8.36
CA VAL B 200 31.77 14.01 -7.56
C VAL B 200 33.05 14.75 -7.20
N PRO B 201 32.96 15.88 -6.52
CA PRO B 201 34.20 16.59 -6.14
C PRO B 201 35.12 15.73 -5.31
N ALA B 202 36.43 15.86 -5.59
CA ALA B 202 37.42 15.09 -4.84
C ALA B 202 37.29 15.36 -3.34
N GLN B 203 36.90 16.57 -2.94
CA GLN B 203 36.84 16.87 -1.50
C GLN B 203 35.80 16.07 -0.76
N LEU B 204 34.84 15.49 -1.48
CA LEU B 204 33.73 14.74 -0.86
C LEU B 204 33.76 13.29 -1.31
N LYS B 205 34.77 12.89 -2.04
CA LYS B 205 34.69 11.61 -2.73
C LYS B 205 34.60 10.44 -1.75
N THR B 206 35.30 10.44 -0.60
CA THR B 206 35.12 9.27 0.25
C THR B 206 33.72 9.29 0.86
N GLN B 207 33.24 10.49 1.18
CA GLN B 207 31.89 10.62 1.73
C GLN B 207 30.85 10.13 0.74
N ILE B 208 30.99 10.48 -0.54
CA ILE B 208 30.03 10.09 -1.56
C ILE B 208 30.09 8.59 -1.75
N ASP B 209 31.29 8.06 -1.83
CA ASP B 209 31.41 6.64 -2.13
C ASP B 209 30.89 5.80 -0.95
N ASP B 210 31.10 6.24 0.30
CA ASP B 210 30.57 5.51 1.46
C ASP B 210 29.04 5.49 1.38
N PHE B 211 28.46 6.68 1.35
CA PHE B 211 27.02 6.83 1.30
C PHE B 211 26.44 6.00 0.18
N ASN B 212 26.97 6.15 -1.05
CA ASN B 212 26.51 5.35 -2.18
C ASN B 212 26.52 3.86 -1.91
N SER B 213 27.56 3.34 -1.24
CA SER B 213 27.66 1.90 -1.05
C SER B 213 26.49 1.32 -0.26
N TRP B 214 26.18 1.93 0.89
CA TRP B 214 25.12 1.37 1.71
C TRP B 214 23.75 1.81 1.22
N VAL B 215 23.64 2.96 0.59
CA VAL B 215 22.37 3.29 -0.06
C VAL B 215 22.08 2.30 -1.18
N TYR B 216 23.10 1.95 -1.97
CA TYR B 216 22.85 0.97 -3.02
C TYR B 216 22.28 -0.32 -2.45
N ASP B 217 22.96 -0.90 -1.46
CA ASP B 217 22.60 -2.25 -1.05
C ASP B 217 21.27 -2.24 -0.32
N SER B 218 21.01 -1.18 0.46
CA SER B 218 19.88 -1.24 1.37
C SER B 218 18.66 -0.47 0.90
N ILE B 219 18.77 0.43 -0.08
CA ILE B 219 17.72 1.33 -0.51
C ILE B 219 17.51 1.19 -2.02
N ASN B 220 18.51 1.55 -2.83
CA ASN B 220 18.30 1.47 -4.27
C ASN B 220 17.94 0.05 -4.67
N ASN B 221 18.83 -0.88 -4.34
CA ASN B 221 18.55 -2.27 -4.57
C ASN B 221 17.72 -2.89 -3.46
N GLY B 222 17.76 -2.31 -2.27
CA GLY B 222 16.99 -2.87 -1.16
C GLY B 222 15.49 -3.01 -1.45
N VAL B 223 14.92 -2.03 -2.13
CA VAL B 223 13.49 -2.07 -2.44
C VAL B 223 13.20 -3.21 -3.41
N TYR B 224 14.12 -3.50 -4.34
CA TYR B 224 13.92 -4.61 -5.25
C TYR B 224 14.09 -5.97 -4.56
N LYS B 225 15.12 -6.11 -3.74
CA LYS B 225 15.27 -7.34 -2.95
C LYS B 225 14.07 -7.59 -2.07
N THR B 226 13.40 -6.53 -1.66
CA THR B 226 12.18 -6.66 -0.86
C THR B 226 11.00 -7.06 -1.76
N GLY B 227 10.79 -6.34 -2.85
CA GLY B 227 9.56 -6.50 -3.62
C GLY B 227 9.54 -7.73 -4.51
N PHE B 228 10.73 -8.15 -4.97
CA PHE B 228 10.88 -9.34 -5.80
C PHE B 228 11.11 -10.61 -4.97
N ALA B 229 11.29 -10.52 -3.65
CA ALA B 229 11.40 -11.74 -2.85
C ALA B 229 10.21 -12.64 -3.08
N GLU B 230 10.47 -13.94 -3.19
CA GLU B 230 9.43 -14.92 -3.40
C GLU B 230 9.10 -15.71 -2.15
N LYS B 231 9.89 -15.55 -1.09
CA LYS B 231 9.67 -16.18 0.20
C LYS B 231 9.58 -15.08 1.24
N ALA B 232 8.60 -15.21 2.14
CA ALA B 232 8.40 -14.16 3.11
C ALA B 232 9.59 -13.91 4.01
N GLU B 233 10.38 -14.95 4.30
CA GLU B 233 11.52 -14.73 5.17
C GLU B 233 12.48 -13.71 4.56
N VAL B 234 12.66 -13.79 3.26
CA VAL B 234 13.52 -12.83 2.56
C VAL B 234 12.86 -11.47 2.48
N TYR B 235 11.58 -11.44 2.16
CA TYR B 235 10.84 -10.17 2.17
C TYR B 235 11.00 -9.44 3.51
N GLU B 236 10.80 -10.16 4.62
CA GLU B 236 10.86 -9.51 5.92
C GLU B 236 12.27 -9.02 6.26
N SER B 237 13.27 -9.83 5.97
CA SER B 237 14.65 -9.39 6.22
C SER B 237 14.96 -8.13 5.41
N GLU B 238 14.60 -8.14 4.15
CA GLU B 238 14.97 -7.03 3.30
C GLU B 238 14.17 -5.76 3.61
N VAL B 239 12.86 -5.88 3.97
CA VAL B 239 12.11 -4.68 4.25
C VAL B 239 12.59 -4.03 5.53
N ASN B 240 12.88 -4.84 6.54
CA ASN B 240 13.47 -4.27 7.75
C ASN B 240 14.75 -3.52 7.43
N ASN B 241 15.56 -4.06 6.54
CA ASN B 241 16.83 -3.44 6.17
C ASN B 241 16.62 -2.13 5.42
N VAL B 242 15.60 -2.07 4.54
CA VAL B 242 15.26 -0.82 3.86
C VAL B 242 14.98 0.27 4.88
N PHE B 243 14.04 0.01 5.83
CA PHE B 243 13.65 1.08 6.73
C PHE B 243 14.75 1.42 7.76
N GLU B 244 15.56 0.44 8.14
CA GLU B 244 16.73 0.74 8.99
C GLU B 244 17.64 1.73 8.31
N HIS B 245 17.83 1.59 6.98
CA HIS B 245 18.72 2.52 6.27
C HIS B 245 18.05 3.83 5.89
N LEU B 246 16.74 3.87 5.62
CA LEU B 246 16.09 5.15 5.51
C LEU B 246 16.26 5.94 6.81
N ASP B 247 16.18 5.24 7.97
CA ASP B 247 16.41 5.92 9.24
C ASP B 247 17.79 6.55 9.29
N LYS B 248 18.82 5.88 8.72
CA LYS B 248 20.16 6.47 8.72
C LYS B 248 20.18 7.74 7.87
N VAL B 249 19.55 7.70 6.68
CA VAL B 249 19.53 8.88 5.83
C VAL B 249 18.83 10.02 6.51
N GLU B 250 17.70 9.69 7.17
CA GLU B 250 16.87 10.69 7.85
C GLU B 250 17.64 11.37 8.99
N LYS B 251 18.48 10.62 9.66
CA LYS B 251 19.32 11.20 10.71
C LYS B 251 20.35 12.14 10.12
N ILE B 252 21.02 11.73 9.06
CA ILE B 252 21.99 12.60 8.40
C ILE B 252 21.36 13.93 8.00
N LEU B 253 20.17 13.86 7.40
CA LEU B 253 19.51 15.06 6.97
C LEU B 253 19.00 15.88 8.14
N SER B 254 18.44 15.25 9.17
CA SER B 254 18.02 15.96 10.37
C SER B 254 19.18 16.72 11.01
N ASP B 255 20.34 16.08 11.14
CA ASP B 255 21.49 16.77 11.72
C ASP B 255 21.88 17.95 10.84
N LYS B 256 21.89 17.76 9.53
CA LYS B 256 22.28 18.87 8.66
C LYS B 256 21.28 20.01 8.74
N TYR B 257 19.99 19.71 8.74
CA TYR B 257 19.00 20.76 8.84
C TYR B 257 19.17 21.55 10.14
N SER B 258 19.46 20.87 11.25
CA SER B 258 19.66 21.59 12.54
C SER B 258 20.76 22.63 12.41
N LYS B 259 21.87 22.23 11.83
CA LYS B 259 23.02 23.11 11.65
C LYS B 259 22.67 24.28 10.73
N LEU B 260 21.95 24.01 9.62
CA LEU B 260 21.58 25.09 8.71
C LEU B 260 20.61 26.08 9.38
N LYS B 261 19.72 25.58 10.23
CA LYS B 261 18.74 26.44 10.90
C LYS B 261 19.45 27.36 11.89
N ALA B 262 20.44 26.85 12.60
CA ALA B 262 21.27 27.69 13.47
C ALA B 262 22.03 28.73 12.66
N LYS B 263 22.54 28.33 11.49
CA LYS B 263 23.37 29.23 10.70
C LYS B 263 22.56 30.36 10.07
N TYR B 264 21.34 30.05 9.63
CA TYR B 264 20.60 31.01 8.82
C TYR B 264 19.28 31.42 9.43
N GLY B 265 18.76 30.69 10.40
CA GLY B 265 17.44 30.93 10.95
C GLY B 265 16.37 30.19 10.17
N GLU B 266 15.39 29.56 10.86
CA GLU B 266 14.43 28.72 10.15
C GLU B 266 13.58 29.49 9.17
N GLU B 267 13.44 30.81 9.34
CA GLU B 267 12.62 31.56 8.41
C GLU B 267 13.27 31.68 7.04
N ASP B 268 14.60 31.66 6.97
CA ASP B 268 15.33 31.76 5.70
C ASP B 268 15.44 30.39 5.01
N ARG B 269 14.25 29.82 4.76
CA ARG B 269 14.14 28.48 4.16
C ARG B 269 14.98 28.37 2.88
N GLN B 270 15.03 29.45 2.10
CA GLN B 270 15.73 29.42 0.82
C GLN B 270 17.23 29.20 1.00
N LYS B 271 17.87 29.94 1.92
CA LYS B 271 19.28 29.70 2.18
C LYS B 271 19.49 28.31 2.74
N ILE B 272 18.55 27.81 3.53
CA ILE B 272 18.72 26.49 4.14
C ILE B 272 18.70 25.44 3.03
N LEU B 273 17.72 25.53 2.13
CA LEU B 273 17.59 24.50 1.11
C LEU B 273 18.76 24.52 0.18
N GLY B 274 19.40 25.67 0.05
CA GLY B 274 20.49 25.74 -0.90
C GLY B 274 21.72 24.96 -0.53
N GLU B 275 21.76 24.43 0.68
CA GLU B 275 22.85 23.64 1.19
C GLU B 275 22.37 22.34 1.80
N PHE B 276 21.10 21.96 1.54
CA PHE B 276 20.47 20.82 2.17
C PHE B 276 20.61 19.57 1.29
N PHE B 277 21.73 18.88 1.43
CA PHE B 277 22.04 17.70 0.61
C PHE B 277 22.58 16.60 1.48
N THR B 278 22.60 15.40 0.96
CA THR B 278 23.01 14.20 1.68
C THR B 278 24.49 14.22 2.06
N VAL B 279 25.33 14.75 1.17
CA VAL B 279 26.77 14.75 1.39
C VAL B 279 27.29 16.16 1.23
N GLY B 280 28.04 16.61 2.22
CA GLY B 280 28.50 17.96 2.13
C GLY B 280 27.42 18.98 2.14
N ASP B 281 27.65 20.08 1.43
CA ASP B 281 26.70 21.17 1.40
C ASP B 281 26.37 21.57 0.00
N GLN B 282 26.49 20.61 -0.93
CA GLN B 282 26.21 20.87 -2.33
C GLN B 282 25.59 19.62 -2.96
N LEU B 283 24.96 19.84 -4.13
CA LEU B 283 24.33 18.75 -4.86
C LEU B 283 25.40 17.84 -5.42
N THR B 284 25.30 16.55 -5.18
CA THR B 284 26.25 15.57 -5.65
C THR B 284 25.52 14.36 -6.26
N GLU B 285 26.32 13.50 -6.87
CA GLU B 285 25.89 12.16 -7.27
C GLU B 285 25.17 11.40 -6.16
N ALA B 286 25.53 11.62 -4.87
CA ALA B 286 24.88 10.85 -3.84
C ALA B 286 23.41 11.21 -3.79
N ASP B 287 23.10 12.49 -4.01
CA ASP B 287 21.70 12.93 -4.03
C ASP B 287 20.98 12.33 -5.23
N ILE B 288 21.62 12.35 -6.40
CA ILE B 288 20.98 11.81 -7.62
C ILE B 288 20.61 10.36 -7.45
N ARG B 289 21.56 9.58 -6.96
CA ARG B 289 21.32 8.15 -6.82
C ARG B 289 20.23 7.86 -5.78
N LEU B 290 20.24 8.58 -4.66
CA LEU B 290 19.14 8.40 -3.68
C LEU B 290 17.80 8.82 -4.25
N TYR B 291 17.78 9.97 -4.94
CA TYR B 291 16.53 10.55 -5.44
C TYR B 291 15.74 9.58 -6.27
N THR B 292 16.40 8.84 -7.14
CA THR B 292 15.61 8.02 -8.07
C THR B 292 14.84 6.92 -7.36
N THR B 293 15.33 6.47 -6.21
CA THR B 293 14.54 5.57 -5.36
C THR B 293 13.51 6.32 -4.56
N VAL B 294 13.89 7.43 -3.92
CA VAL B 294 12.95 8.08 -3.00
C VAL B 294 11.74 8.64 -3.77
N ILE B 295 11.94 9.17 -4.97
CA ILE B 295 10.83 9.75 -5.73
C ILE B 295 9.82 8.70 -6.18
N ARG B 296 10.22 7.44 -6.23
CA ARG B 296 9.36 6.31 -6.58
C ARG B 296 8.77 5.65 -5.36
N PHE B 297 9.22 6.02 -4.16
CA PHE B 297 8.89 5.26 -2.97
C PHE B 297 7.41 5.31 -2.64
N ASP B 298 6.85 6.51 -2.54
CA ASP B 298 5.43 6.60 -2.19
C ASP B 298 4.56 6.23 -3.38
N PRO B 299 4.88 6.68 -4.63
CA PRO B 299 4.00 6.30 -5.74
C PRO B 299 3.92 4.82 -6.03
N VAL B 300 4.97 4.03 -5.75
CA VAL B 300 4.93 2.62 -6.12
CA VAL B 300 5.07 2.62 -6.18
C VAL B 300 5.57 1.68 -5.09
N TYR B 301 6.73 2.00 -4.52
CA TYR B 301 7.40 0.98 -3.70
C TYR B 301 6.62 0.60 -2.45
N VAL B 302 5.90 1.54 -1.83
CA VAL B 302 5.10 1.23 -0.66
C VAL B 302 4.08 0.14 -0.98
N GLN B 303 3.22 0.36 -1.99
CA GLN B 303 2.16 -0.62 -2.28
C GLN B 303 2.66 -1.83 -3.03
N HIS B 304 3.50 -1.59 -4.03
CA HIS B 304 3.80 -2.62 -4.99
C HIS B 304 4.94 -3.50 -4.54
N PHE B 305 5.96 -2.92 -3.90
CA PHE B 305 7.05 -3.70 -3.33
C PHE B 305 6.87 -3.94 -1.83
N LYS B 306 5.73 -3.58 -1.28
CA LYS B 306 5.38 -3.87 0.10
C LYS B 306 6.38 -3.26 1.07
N CYS B 307 6.94 -2.10 0.70
CA CYS B 307 7.93 -1.41 1.55
C CYS B 307 7.12 -0.37 2.32
N ASN B 308 6.38 -0.87 3.32
CA ASN B 308 5.22 -0.14 3.79
C ASN B 308 5.15 0.04 5.29
N PHE B 309 6.23 -0.04 6.03
CA PHE B 309 6.14 0.36 7.43
C PHE B 309 5.50 1.74 7.59
N THR B 310 5.89 2.67 6.75
CA THR B 310 5.41 4.03 6.63
C THR B 310 5.76 4.48 5.21
N SER B 311 5.38 5.71 4.88
CA SER B 311 5.77 6.34 3.61
C SER B 311 6.74 7.46 3.89
N ILE B 312 7.37 7.93 2.83
CA ILE B 312 8.24 9.08 2.95
C ILE B 312 7.45 10.26 3.51
N ARG B 313 6.29 10.55 2.91
CA ARG B 313 5.57 11.76 3.27
C ARG B 313 5.09 11.72 4.69
N ALA B 314 4.71 10.55 5.19
CA ALA B 314 4.16 10.40 6.54
C ALA B 314 5.21 10.18 7.60
N GLY B 315 6.32 9.54 7.27
CA GLY B 315 7.24 8.98 8.22
C GLY B 315 8.65 9.54 8.23
N TYR B 316 9.02 10.28 7.17
CA TYR B 316 10.40 10.74 7.00
C TYR B 316 10.43 12.22 6.63
N PRO B 317 10.19 13.11 7.60
CA PRO B 317 10.08 14.54 7.25
C PRO B 317 11.29 15.13 6.56
N PHE B 318 12.48 14.74 6.96
CA PHE B 318 13.67 15.37 6.42
C PHE B 318 13.96 14.83 5.03
N ILE B 319 13.79 13.50 4.84
CA ILE B 319 13.87 12.99 3.46
C ILE B 319 12.81 13.65 2.60
N HIS B 320 11.58 13.80 3.11
CA HIS B 320 10.48 14.39 2.38
C HIS B 320 10.80 15.83 1.95
N LEU B 321 11.37 16.62 2.85
CA LEU B 321 11.78 17.97 2.50
C LEU B 321 12.85 17.96 1.41
N TRP B 322 13.89 17.14 1.63
CA TRP B 322 14.98 17.00 0.69
C TRP B 322 14.47 16.64 -0.70
N VAL B 323 13.57 15.63 -0.80
CA VAL B 323 13.15 15.16 -2.12
C VAL B 323 12.24 16.17 -2.80
N ARG B 324 11.43 16.90 -2.03
CA ARG B 324 10.59 17.93 -2.62
C ARG B 324 11.44 19.12 -3.10
N ASN B 325 12.52 19.44 -2.38
CA ASN B 325 13.39 20.52 -2.82
C ASN B 325 13.97 20.15 -4.18
N LEU B 326 14.49 18.93 -4.30
CA LEU B 326 15.09 18.53 -5.59
C LEU B 326 14.04 18.51 -6.70
N TYR B 327 12.89 17.90 -6.45
CA TYR B 327 11.87 17.81 -7.49
C TYR B 327 11.42 19.19 -7.92
N TRP B 328 10.97 20.02 -6.96
CA TRP B 328 10.30 21.26 -7.34
C TRP B 328 11.26 22.35 -7.76
N ASN B 329 12.47 22.34 -7.27
CA ASN B 329 13.37 23.47 -7.50
C ASN B 329 14.48 23.20 -8.49
N TYR B 330 14.61 21.99 -9.00
CA TYR B 330 15.67 21.67 -9.97
C TYR B 330 15.06 21.06 -11.20
N ASP B 331 15.23 21.74 -12.34
CA ASP B 331 14.56 21.26 -13.54
C ASP B 331 15.06 19.87 -13.97
N ALA B 332 16.33 19.58 -13.70
CA ALA B 332 16.91 18.31 -14.09
C ALA B 332 16.21 17.14 -13.41
N PHE B 333 15.65 17.36 -12.22
CA PHE B 333 14.89 16.34 -11.52
C PHE B 333 13.44 16.34 -11.97
N ARG B 334 12.77 17.48 -11.85
CA ARG B 334 11.34 17.55 -12.18
C ARG B 334 11.05 17.04 -13.58
N TYR B 335 11.79 17.53 -14.57
CA TYR B 335 11.42 17.28 -15.96
C TYR B 335 11.97 15.96 -16.51
N THR B 336 12.65 15.18 -15.70
CA THR B 336 12.99 13.82 -16.02
C THR B 336 12.19 12.81 -15.24
N THR B 337 11.29 13.28 -14.37
CA THR B 337 10.46 12.42 -13.52
C THR B 337 9.07 12.27 -14.12
N ASP B 338 8.74 11.09 -14.59
CA ASP B 338 7.44 10.82 -15.20
C ASP B 338 6.70 9.82 -14.37
N PHE B 339 5.74 10.31 -13.56
CA PHE B 339 5.05 9.45 -12.65
C PHE B 339 4.12 8.46 -13.34
N ASP B 340 3.66 8.77 -14.56
CA ASP B 340 2.84 7.81 -15.30
C ASP B 340 3.69 6.60 -15.70
N HIS B 341 4.86 6.85 -16.30
CA HIS B 341 5.75 5.74 -16.60
C HIS B 341 6.10 4.94 -15.35
N ILE B 342 6.43 5.64 -14.24
CA ILE B 342 6.77 4.95 -13.00
C ILE B 342 5.64 4.02 -12.58
N LYS B 343 4.43 4.55 -12.41
CA LYS B 343 3.37 3.72 -11.85
C LYS B 343 2.93 2.63 -12.80
N LEU B 344 2.83 2.96 -14.08
CA LEU B 344 2.40 1.96 -15.03
C LEU B 344 3.43 0.85 -15.21
N HIS B 345 4.72 1.19 -15.32
CA HIS B 345 5.73 0.14 -15.53
C HIS B 345 5.61 -0.98 -14.50
N TYR B 346 5.70 -0.59 -13.22
CA TYR B 346 5.82 -1.62 -12.20
C TYR B 346 4.53 -2.42 -12.11
N THR B 347 3.39 -1.73 -12.00
CA THR B 347 2.11 -2.38 -11.77
C THR B 347 1.67 -3.18 -12.96
N ARG B 348 2.07 -2.79 -14.17
CA ARG B 348 1.61 -3.48 -15.38
C ARG B 348 2.58 -4.57 -15.80
N SER B 349 3.84 -4.54 -15.37
CA SER B 349 4.81 -5.50 -15.85
C SER B 349 5.05 -6.66 -14.93
N HIS B 350 4.82 -6.50 -13.63
CA HIS B 350 5.21 -7.53 -12.67
C HIS B 350 4.03 -8.43 -12.29
N THR B 351 3.76 -9.39 -13.18
CA THR B 351 2.61 -10.29 -13.07
C THR B 351 2.61 -11.11 -11.78
N ARG B 352 3.78 -11.41 -11.20
CA ARG B 352 3.79 -12.20 -9.97
C ARG B 352 3.57 -11.35 -8.72
N ILE B 353 3.40 -10.06 -8.89
CA ILE B 353 3.05 -9.15 -7.81
C ILE B 353 1.63 -8.64 -7.98
N ASN B 354 1.27 -8.23 -9.20
CA ASN B 354 -0.01 -7.59 -9.50
C ASN B 354 -0.51 -8.39 -10.70
N PRO B 355 -1.23 -9.49 -10.44
CA PRO B 355 -1.53 -10.43 -11.55
C PRO B 355 -2.49 -9.85 -12.56
N LEU B 356 -3.40 -8.99 -12.17
CA LEU B 356 -4.35 -8.45 -13.12
C LEU B 356 -3.91 -7.13 -13.71
N GLY B 357 -2.75 -6.61 -13.30
CA GLY B 357 -2.31 -5.38 -13.90
C GLY B 357 -3.21 -4.21 -13.67
N ILE B 358 -3.68 -4.01 -12.44
CA ILE B 358 -4.54 -2.88 -12.11
C ILE B 358 -3.71 -1.89 -11.31
N THR B 359 -3.53 -0.71 -11.87
CA THR B 359 -2.61 0.28 -11.27
C THR B 359 -3.33 1.05 -10.16
N PRO B 360 -2.84 1.00 -8.91
CA PRO B 360 -3.49 1.81 -7.86
C PRO B 360 -3.48 3.27 -8.19
N LEU B 361 -4.55 3.99 -7.85
CA LEU B 361 -4.64 5.44 -8.15
C LEU B 361 -3.89 6.26 -7.13
N GLY B 362 -3.71 5.74 -5.93
CA GLY B 362 -2.99 6.46 -4.91
C GLY B 362 -1.52 6.05 -4.86
N PRO B 363 -0.77 6.71 -3.98
CA PRO B 363 -1.19 7.85 -3.15
C PRO B 363 -1.47 9.08 -3.99
N LYS B 364 -2.29 9.96 -3.49
CA LYS B 364 -2.49 11.28 -4.10
C LYS B 364 -1.93 12.36 -3.18
N PRO B 365 -1.15 13.30 -3.70
CA PRO B 365 -0.64 13.38 -5.08
C PRO B 365 0.64 12.51 -5.19
N ASP B 366 1.20 12.42 -6.39
CA ASP B 366 2.43 11.65 -6.58
C ASP B 366 3.58 12.22 -5.77
N ILE B 367 3.66 13.55 -5.69
CA ILE B 367 4.62 14.25 -4.82
C ILE B 367 3.94 15.50 -4.28
N ARG B 368 3.96 15.68 -2.97
CA ARG B 368 3.36 16.84 -2.37
C ARG B 368 4.13 18.12 -2.72
N PRO B 369 3.43 19.26 -2.76
CA PRO B 369 4.10 20.54 -2.98
C PRO B 369 5.03 20.92 -1.85
N LEU B 370 5.98 21.78 -2.21
CA LEU B 370 6.89 22.36 -1.25
C LEU B 370 6.30 23.66 -0.73
#